data_1OIU
#
_entry.id   1OIU
#
_cell.length_a   73.648
_cell.length_b   133.778
_cell.length_c   148.228
_cell.angle_alpha   90.00
_cell.angle_beta   90.00
_cell.angle_gamma   90.00
#
_symmetry.space_group_name_H-M   'P 21 21 21'
#
loop_
_entity.id
_entity.type
_entity.pdbx_description
1 polymer 'CELL DIVISION PROTEIN KINASE 2'
2 polymer 'CYCLIN A2'
3 non-polymer 3-(6-CYCLOHEXYLMETHOXY-9H-PURIN-2-YLAMINO)-BENZENESULFONAMIDE
4 non-polymer MONOTHIOGLYCEROL
5 non-polymer 'MAGNESIUM ION'
6 water water
#
loop_
_entity_poly.entity_id
_entity_poly.type
_entity_poly.pdbx_seq_one_letter_code
_entity_poly.pdbx_strand_id
1 'polypeptide(L)'
;GPGSMENFQKVEKIGEGTYGVVYKARNKLTGEVVALKKIRLDTETEGVPSTAIREISLLKELNHPNIVKLLDVIHTENKL
YLVFEFLHQDLKKFMDASALTGIPLPLIKSYLFQLLQGLAFCHSHRVLHRDLKPQNLLINTEGAIKLADFGLARAFGVPV
RTY(TPO)HEVVTLWYRAPEILLGCKYYSTAVDIWSLGCIFAEMVTRRALFPGDSEIDQLFRIFRTLGTPDEVVWPGVTS
MPDYKPSFPKWARQDFSKVVPPLDEDGRSLLSQMLHYDPNKRISAKAALAHPFFQDVTKPVPHLRL
;
A,C
2 'polypeptide(L)'
;MEVPDYHEDIHTYLREMEVKCKPKVGYMKKQPDITNSMRAILVDWLVEVGEEYKLQNETLHLAVNYIDRFLSSMSVLRGK
LQLVGTAAMLLASKFEEIYPPEVAEFVYITDDTYTKKQVLRMEHLVLKVLTFDLAAPTVNQFLTQYFLHQQPANCKVESL
AMFLGELSLIDADPYLKYLPSVIAGAAFHLALYTVTGQSWPESLIRKTGYTLESLKPCLMDLHQTYLKAPQHAQQSIREK
YKNSKYHGVSLLNPPETLNL
;
B,D
#
loop_
_chem_comp.id
_chem_comp.type
_chem_comp.name
_chem_comp.formula
MG non-polymer 'MAGNESIUM ION' 'Mg 2'
N76 non-polymer 3-(6-CYCLOHEXYLMETHOXY-9H-PURIN-2-YLAMINO)-BENZENESULFONAMIDE 'C18 H22 N6 O3 S'
SGM non-polymer MONOTHIOGLYCEROL 'C3 H8 O2 S'
#
# COMPACT_ATOMS: atom_id res chain seq x y z
N PRO A 2 10.63 3.70 -2.54
CA PRO A 2 10.76 5.15 -2.85
C PRO A 2 12.19 5.55 -3.21
N GLY A 3 13.17 4.69 -2.89
CA GLY A 3 14.57 5.05 -3.00
C GLY A 3 15.23 4.83 -4.34
N SER A 4 16.48 5.27 -4.43
CA SER A 4 17.38 5.03 -5.57
C SER A 4 18.78 4.91 -4.99
N MET A 5 19.69 4.23 -5.68
CA MET A 5 21.06 4.11 -5.14
C MET A 5 21.82 5.44 -5.09
N GLU A 6 21.39 6.38 -5.94
CA GLU A 6 21.96 7.73 -6.03
C GLU A 6 22.07 8.48 -4.70
N ASN A 7 21.04 8.41 -3.86
CA ASN A 7 21.05 9.15 -2.59
C ASN A 7 21.75 8.44 -1.44
N PHE A 8 22.32 7.26 -1.69
CA PHE A 8 23.07 6.56 -0.65
C PHE A 8 24.58 6.66 -0.87
N GLN A 9 25.27 7.02 0.21
CA GLN A 9 26.72 7.01 0.23
C GLN A 9 27.18 5.84 1.09
N LYS A 10 27.94 4.93 0.49
CA LYS A 10 28.49 3.77 1.19
C LYS A 10 29.57 4.21 2.17
N VAL A 11 29.54 3.65 3.39
CA VAL A 11 30.49 4.03 4.44
C VAL A 11 31.53 2.92 4.65
N GLU A 12 31.06 1.71 4.93
CA GLU A 12 31.93 0.56 5.15
C GLU A 12 31.15 -0.77 5.13
N LYS A 13 31.87 -1.86 4.85
CA LYS A 13 31.31 -3.20 4.94
C LYS A 13 31.10 -3.55 6.42
N ILE A 14 29.95 -4.13 6.72
CA ILE A 14 29.66 -4.64 8.06
C ILE A 14 29.93 -6.15 8.15
N GLY A 15 29.32 -6.92 7.26
CA GLY A 15 29.52 -8.37 7.26
C GLY A 15 28.68 -9.14 6.26
N GLU A 16 28.78 -10.46 6.32
CA GLU A 16 28.01 -11.37 5.48
C GLU A 16 27.17 -12.30 6.35
N GLY A 17 25.86 -12.28 6.15
CA GLY A 17 24.95 -13.16 6.88
C GLY A 17 24.59 -14.40 6.08
N THR A 18 23.36 -14.89 6.23
CA THR A 18 22.87 -16.05 5.47
C THR A 18 23.11 -15.91 3.96
N TYR A 19 22.83 -14.71 3.44
CA TYR A 19 23.07 -14.42 2.03
C TYR A 19 23.36 -12.92 1.85
N GLY A 20 23.88 -12.56 0.67
CA GLY A 20 24.23 -11.19 0.34
C GLY A 20 25.33 -10.61 1.23
N VAL A 21 25.56 -9.30 1.09
CA VAL A 21 26.53 -8.58 1.92
C VAL A 21 25.92 -7.30 2.48
N VAL A 22 26.26 -6.98 3.73
CA VAL A 22 25.71 -5.78 4.36
C VAL A 22 26.76 -4.67 4.48
N TYR A 23 26.37 -3.48 4.03
CA TYR A 23 27.15 -2.26 4.14
C TYR A 23 26.44 -1.21 4.99
N LYS A 24 27.22 -0.44 5.75
CA LYS A 24 26.74 0.79 6.38
C LYS A 24 26.68 1.88 5.31
N ALA A 25 25.56 2.61 5.25
CA ALA A 25 25.44 3.72 4.31
C ALA A 25 24.66 4.90 4.87
N ARG A 26 24.68 6.01 4.17
CA ARG A 26 23.96 7.19 4.63
C ARG A 26 23.13 7.78 3.50
N ASN A 27 21.87 8.03 3.79
CA ASN A 27 20.98 8.75 2.89
C ASN A 27 21.46 10.19 2.89
N LYS A 28 21.88 10.67 1.71
CA LYS A 28 22.47 12.00 1.57
C LYS A 28 21.46 13.11 1.83
N LEU A 29 20.18 12.81 1.62
CA LEU A 29 19.13 13.80 1.67
C LEU A 29 18.47 13.96 3.03
N THR A 30 18.21 12.84 3.72
CA THR A 30 17.60 12.90 5.05
C THR A 30 18.63 12.80 6.17
N GLY A 31 19.83 12.33 5.83
CA GLY A 31 20.88 12.05 6.80
C GLY A 31 20.79 10.68 7.48
N GLU A 32 19.69 9.96 7.25
CA GLU A 32 19.49 8.65 7.90
C GLU A 32 20.63 7.69 7.60
N VAL A 33 21.20 7.09 8.64
CA VAL A 33 22.20 6.06 8.45
C VAL A 33 21.46 4.74 8.28
N VAL A 34 21.83 3.98 7.27
CA VAL A 34 21.15 2.69 6.98
C VAL A 34 22.14 1.55 6.86
N ALA A 35 21.62 0.32 6.92
CA ALA A 35 22.36 -0.85 6.49
C ALA A 35 21.84 -1.30 5.13
N LEU A 36 22.74 -1.47 4.17
CA LEU A 36 22.36 -1.90 2.84
C LEU A 36 22.78 -3.33 2.63
N LYS A 37 21.79 -4.19 2.33
CA LYS A 37 22.06 -5.58 2.02
C LYS A 37 21.99 -5.76 0.51
N LYS A 38 23.14 -6.06 -0.08
CA LYS A 38 23.27 -6.17 -1.52
C LYS A 38 23.18 -7.62 -2.00
N ILE A 39 22.36 -7.84 -3.02
CA ILE A 39 22.14 -9.18 -3.57
C ILE A 39 22.41 -9.16 -5.06
N ARG A 40 23.42 -9.91 -5.48
CA ARG A 40 23.78 -10.00 -6.90
C ARG A 40 22.89 -11.05 -7.56
N LEU A 41 22.22 -10.65 -8.64
CA LEU A 41 21.30 -11.51 -9.36
C LEU A 41 21.91 -12.04 -10.67
N THR A 45 21.34 -17.52 -13.52
CA THR A 45 21.31 -18.33 -12.30
C THR A 45 19.89 -18.85 -12.03
N GLU A 46 19.48 -18.88 -10.77
CA GLU A 46 18.16 -19.41 -10.40
C GLU A 46 17.15 -18.29 -10.14
N GLY A 47 17.51 -17.06 -10.48
CA GLY A 47 16.66 -15.91 -10.28
C GLY A 47 16.82 -15.35 -8.87
N VAL A 48 15.75 -14.79 -8.33
CA VAL A 48 15.79 -14.22 -6.98
C VAL A 48 15.84 -15.37 -5.98
N PRO A 49 16.86 -15.41 -5.12
CA PRO A 49 17.00 -16.49 -4.14
C PRO A 49 15.83 -16.61 -3.18
N SER A 50 15.46 -17.84 -2.84
CA SER A 50 14.33 -18.08 -1.93
C SER A 50 14.54 -17.36 -0.59
N THR A 51 15.77 -17.29 -0.13
CA THR A 51 16.09 -16.59 1.13
C THR A 51 15.72 -15.11 1.05
N ALA A 52 15.98 -14.48 -0.10
CA ALA A 52 15.58 -13.09 -0.31
C ALA A 52 14.07 -12.97 -0.38
N ILE A 53 13.44 -13.88 -1.11
CA ILE A 53 12.00 -13.84 -1.29
C ILE A 53 11.28 -13.91 0.06
N ARG A 54 11.71 -14.86 0.88
CA ARG A 54 11.18 -15.00 2.24
C ARG A 54 11.55 -13.82 3.12
N GLU A 55 12.81 -13.41 3.16
CA GLU A 55 13.18 -12.31 4.05
C GLU A 55 12.37 -11.04 3.78
N ILE A 56 12.24 -10.69 2.49
CA ILE A 56 11.53 -9.46 2.12
C ILE A 56 10.03 -9.56 2.41
N SER A 57 9.39 -10.60 1.90
CA SER A 57 7.95 -10.76 2.11
C SER A 57 7.57 -10.72 3.59
N LEU A 58 8.35 -11.38 4.42
CA LEU A 58 8.01 -11.50 5.85
C LEU A 58 8.36 -10.27 6.65
N LEU A 59 9.49 -9.64 6.33
CA LEU A 59 9.89 -8.44 7.03
C LEU A 59 8.97 -7.23 6.73
N LYS A 60 8.37 -7.22 5.54
CA LYS A 60 7.38 -6.20 5.20
C LYS A 60 6.14 -6.28 6.09
N GLU A 61 5.83 -7.47 6.57
CA GLU A 61 4.73 -7.69 7.51
C GLU A 61 5.11 -7.45 8.99
N LEU A 62 6.39 -7.54 9.29
CA LEU A 62 6.84 -7.59 10.67
C LEU A 62 7.38 -6.24 11.10
N ASN A 63 6.49 -5.28 11.33
CA ASN A 63 6.91 -4.00 11.89
C ASN A 63 6.77 -4.00 13.40
N HIS A 64 7.90 -3.87 14.09
CA HIS A 64 7.94 -4.01 15.52
C HIS A 64 9.26 -3.42 16.01
N PRO A 65 9.26 -2.76 17.17
CA PRO A 65 10.49 -2.13 17.69
C PRO A 65 11.65 -3.10 17.93
N ASN A 66 11.39 -4.40 18.05
CA ASN A 66 12.47 -5.36 18.32
C ASN A 66 12.71 -6.33 17.16
N ILE A 67 12.32 -5.88 15.97
CA ILE A 67 12.64 -6.55 14.71
C ILE A 67 13.25 -5.50 13.80
N VAL A 68 14.42 -5.81 13.24
CA VAL A 68 15.07 -4.87 12.33
C VAL A 68 14.09 -4.42 11.25
N LYS A 69 14.05 -3.12 11.00
CA LYS A 69 13.10 -2.56 10.02
C LYS A 69 13.67 -2.60 8.62
N LEU A 70 12.94 -3.25 7.71
CA LEU A 70 13.19 -3.16 6.28
C LEU A 70 12.49 -1.92 5.76
N LEU A 71 13.28 -0.96 5.27
CA LEU A 71 12.79 0.35 4.85
C LEU A 71 12.40 0.42 3.39
N ASP A 72 13.15 -0.28 2.55
CA ASP A 72 12.95 -0.18 1.11
C ASP A 72 13.62 -1.37 0.44
N VAL A 73 13.20 -1.62 -0.79
CA VAL A 73 13.82 -2.62 -1.65
C VAL A 73 14.09 -1.92 -2.97
N ILE A 74 15.37 -1.78 -3.32
CA ILE A 74 15.74 -1.13 -4.57
C ILE A 74 16.16 -2.19 -5.57
N HIS A 75 15.42 -2.20 -6.68
CA HIS A 75 15.42 -3.31 -7.62
C HIS A 75 15.95 -2.87 -8.98
N THR A 76 17.16 -3.31 -9.29
CA THR A 76 17.64 -3.30 -10.68
C THR A 76 17.53 -4.74 -11.19
N GLU A 77 17.80 -4.95 -12.48
CA GLU A 77 17.68 -6.29 -13.07
C GLU A 77 18.86 -7.18 -12.70
N ASN A 78 19.98 -6.57 -12.32
CA ASN A 78 21.19 -7.27 -11.91
C ASN A 78 21.44 -7.23 -10.40
N LYS A 79 20.93 -6.17 -9.75
CA LYS A 79 21.15 -5.95 -8.32
C LYS A 79 19.85 -5.77 -7.55
N LEU A 80 19.79 -6.39 -6.37
CA LEU A 80 18.72 -6.17 -5.41
C LEU A 80 19.35 -5.60 -4.15
N TYR A 81 18.90 -4.41 -3.73
CA TYR A 81 19.39 -3.79 -2.50
C TYR A 81 18.28 -3.69 -1.47
N LEU A 82 18.51 -4.29 -0.30
CA LEU A 82 17.59 -4.13 0.82
C LEU A 82 18.10 -3.02 1.72
N VAL A 83 17.27 -2.00 1.92
CA VAL A 83 17.60 -0.90 2.81
C VAL A 83 16.97 -1.14 4.19
N PHE A 84 17.81 -1.26 5.21
CA PHE A 84 17.40 -1.56 6.58
C PHE A 84 17.75 -0.40 7.51
N GLU A 85 17.01 -0.23 8.59
CA GLU A 85 17.51 0.61 9.68
C GLU A 85 18.89 0.09 10.12
N PHE A 86 19.77 1.01 10.50
CA PHE A 86 21.12 0.67 10.94
C PHE A 86 21.15 0.52 12.44
N LEU A 87 21.76 -0.55 12.93
CA LEU A 87 22.02 -0.69 14.35
C LEU A 87 23.53 -0.66 14.57
N HIS A 88 23.95 -0.38 15.79
CA HIS A 88 25.34 -0.04 16.06
C HIS A 88 26.31 -1.20 16.26
N GLN A 89 25.80 -2.35 16.70
CA GLN A 89 26.65 -3.46 17.10
C GLN A 89 25.83 -4.74 17.18
N ASP A 90 26.50 -5.88 17.17
CA ASP A 90 25.82 -7.15 17.45
C ASP A 90 26.09 -7.62 18.88
N LEU A 91 25.26 -8.52 19.35
CA LEU A 91 25.34 -9.00 20.72
C LEU A 91 26.60 -9.80 21.05
N LYS A 92 27.08 -10.58 20.09
CA LYS A 92 28.34 -11.32 20.28
C LYS A 92 29.50 -10.37 20.58
N LYS A 93 29.68 -9.35 19.74
CA LYS A 93 30.74 -8.34 19.95
C LYS A 93 30.58 -7.62 21.27
N PHE A 94 29.34 -7.28 21.63
CA PHE A 94 29.07 -6.64 22.92
C PHE A 94 29.49 -7.54 24.09
N MET A 95 29.13 -8.83 24.02
CA MET A 95 29.53 -9.77 25.05
C MET A 95 31.06 -9.90 25.14
N ASP A 96 31.72 -9.88 23.99
CA ASP A 96 33.18 -9.89 23.94
C ASP A 96 33.75 -8.64 24.62
N ALA A 97 33.19 -7.48 24.29
CA ALA A 97 33.60 -6.20 24.90
C ALA A 97 33.33 -6.12 26.41
N SER A 98 32.42 -6.96 26.92
CA SER A 98 32.06 -6.97 28.34
C SER A 98 32.88 -7.99 29.17
N ALA A 99 33.93 -8.53 28.54
CA ALA A 99 34.82 -9.54 29.14
C ALA A 99 35.13 -9.35 30.63
N LEU A 100 35.44 -8.13 31.03
CA LEU A 100 35.93 -7.86 32.39
C LEU A 100 34.90 -7.20 33.31
N THR A 101 33.96 -6.45 32.75
CA THR A 101 32.90 -5.83 33.55
C THR A 101 31.77 -6.79 33.87
N GLY A 102 31.52 -7.74 32.96
CA GLY A 102 30.27 -8.47 32.95
C GLY A 102 29.20 -7.58 32.33
N ILE A 103 28.03 -8.15 31.99
CA ILE A 103 26.90 -7.35 31.52
C ILE A 103 26.01 -7.13 32.72
N PRO A 104 25.73 -5.87 33.08
CA PRO A 104 24.84 -5.61 34.21
C PRO A 104 23.54 -6.39 34.05
N LEU A 105 23.05 -6.94 35.16
CA LEU A 105 21.84 -7.71 35.12
C LEU A 105 20.63 -6.96 34.54
N PRO A 106 20.44 -5.67 34.88
CA PRO A 106 19.33 -4.90 34.30
C PRO A 106 19.36 -4.90 32.77
N LEU A 107 20.55 -4.94 32.19
CA LEU A 107 20.69 -4.97 30.74
C LEU A 107 20.43 -6.35 30.16
N ILE A 108 20.89 -7.40 30.82
CA ILE A 108 20.54 -8.76 30.40
C ILE A 108 19.04 -8.97 30.42
N LYS A 109 18.41 -8.49 31.50
CA LYS A 109 16.97 -8.64 31.70
C LYS A 109 16.21 -7.86 30.64
N SER A 110 16.63 -6.62 30.40
CA SER A 110 16.04 -5.81 29.35
C SER A 110 16.17 -6.44 27.95
N TYR A 111 17.36 -6.97 27.64
CA TYR A 111 17.59 -7.56 26.33
C TYR A 111 16.74 -8.81 26.14
N LEU A 112 16.70 -9.68 27.15
CA LEU A 112 15.86 -10.87 27.05
C LEU A 112 14.39 -10.49 26.85
N PHE A 113 13.94 -9.49 27.62
CA PHE A 113 12.54 -9.04 27.58
C PHE A 113 12.17 -8.60 26.16
N GLN A 114 13.06 -7.79 25.58
CA GLN A 114 12.89 -7.28 24.23
C GLN A 114 12.96 -8.36 23.19
N LEU A 115 13.92 -9.29 23.32
CA LEU A 115 14.00 -10.43 22.40
C LEU A 115 12.70 -11.25 22.42
N LEU A 116 12.17 -11.51 23.62
CA LEU A 116 10.91 -12.23 23.72
C LEU A 116 9.73 -11.48 23.09
N GLN A 117 9.72 -10.16 23.24
CA GLN A 117 8.69 -9.34 22.61
C GLN A 117 8.76 -9.49 21.11
N GLY A 118 9.96 -9.29 20.57
CA GLY A 118 10.21 -9.43 19.14
C GLY A 118 9.83 -10.81 18.63
N LEU A 119 10.21 -11.83 19.39
CA LEU A 119 9.88 -13.21 19.00
C LEU A 119 8.38 -13.51 19.07
N ALA A 120 7.71 -13.05 20.13
CA ALA A 120 6.27 -13.30 20.28
C ALA A 120 5.55 -12.68 19.08
N PHE A 121 6.05 -11.51 18.66
CA PHE A 121 5.50 -10.87 17.49
C PHE A 121 5.65 -11.71 16.22
N CYS A 122 6.86 -12.23 15.96
CA CYS A 122 7.06 -13.16 14.83
C CYS A 122 6.09 -14.34 14.89
N HIS A 123 6.05 -14.99 16.04
CA HIS A 123 5.27 -16.21 16.18
C HIS A 123 3.77 -15.94 16.04
N SER A 124 3.31 -14.78 16.54
CA SER A 124 1.89 -14.39 16.41
C SER A 124 1.52 -14.01 14.99
N HIS A 125 2.53 -13.79 14.15
CA HIS A 125 2.34 -13.51 12.74
C HIS A 125 2.84 -14.68 11.89
N ARG A 126 2.78 -15.86 12.50
CA ARG A 126 3.08 -17.14 11.83
C ARG A 126 4.47 -17.19 11.15
N VAL A 127 5.47 -16.57 11.79
CA VAL A 127 6.85 -16.60 11.28
C VAL A 127 7.83 -17.27 12.28
N LEU A 128 8.60 -18.24 11.78
CA LEU A 128 9.68 -18.86 12.55
C LEU A 128 10.98 -18.17 12.11
N HIS A 129 11.85 -17.80 13.04
CA HIS A 129 13.11 -17.14 12.67
C HIS A 129 14.16 -18.18 12.23
N ARG A 130 14.38 -19.16 13.11
CA ARG A 130 15.23 -20.34 12.86
C ARG A 130 16.74 -20.09 12.76
N ASP A 131 17.19 -18.92 13.17
CA ASP A 131 18.63 -18.67 13.22
C ASP A 131 18.98 -17.66 14.32
N LEU A 132 18.32 -17.78 15.45
CA LEU A 132 18.62 -16.92 16.58
C LEU A 132 20.00 -17.26 17.18
N LYS A 133 20.91 -16.29 17.11
CA LYS A 133 22.26 -16.40 17.66
C LYS A 133 22.73 -14.98 17.93
N PRO A 134 23.71 -14.79 18.82
CA PRO A 134 24.14 -13.44 19.22
C PRO A 134 24.59 -12.58 18.04
N GLN A 135 25.15 -13.19 17.01
CA GLN A 135 25.59 -12.48 15.82
C GLN A 135 24.42 -11.83 15.05
N ASN A 136 23.22 -12.39 15.22
CA ASN A 136 22.03 -11.92 14.52
C ASN A 136 21.11 -11.04 15.39
N LEU A 137 21.60 -10.68 16.57
CA LEU A 137 20.82 -9.85 17.49
C LEU A 137 21.54 -8.53 17.62
N LEU A 138 20.93 -7.46 17.13
CA LEU A 138 21.63 -6.19 16.98
C LEU A 138 21.18 -5.16 18.02
N ILE A 139 22.14 -4.38 18.53
CA ILE A 139 21.86 -3.39 19.57
C ILE A 139 22.14 -1.96 19.13
N ASN A 140 21.44 -1.01 19.74
CA ASN A 140 21.80 0.38 19.50
C ASN A 140 22.22 1.07 20.81
N THR A 141 22.58 2.35 20.72
CA THR A 141 23.07 3.11 21.87
C THR A 141 21.96 3.50 22.84
N GLU A 142 20.71 3.37 22.42
CA GLU A 142 19.60 3.72 23.28
C GLU A 142 19.03 2.56 24.13
N GLY A 143 19.63 1.37 24.03
CA GLY A 143 19.20 0.23 24.85
C GLY A 143 18.36 -0.82 24.15
N ALA A 144 18.00 -0.58 22.90
CA ALA A 144 17.22 -1.54 22.10
C ALA A 144 18.04 -2.77 21.70
N ILE A 145 17.39 -3.92 21.60
CA ILE A 145 17.96 -5.06 20.89
C ILE A 145 16.89 -5.58 19.92
N LYS A 146 17.34 -6.02 18.75
CA LYS A 146 16.42 -6.35 17.67
C LYS A 146 16.86 -7.61 16.97
N LEU A 147 15.86 -8.39 16.57
CA LEU A 147 16.05 -9.59 15.77
C LEU A 147 16.44 -9.21 14.34
N ALA A 148 17.50 -9.83 13.82
CA ALA A 148 17.90 -9.56 12.44
C ALA A 148 18.26 -10.82 11.69
N ASP A 149 18.61 -10.65 10.42
CA ASP A 149 18.89 -11.76 9.49
C ASP A 149 17.79 -12.82 9.44
N PHE A 150 16.72 -12.47 8.71
CA PHE A 150 15.57 -13.32 8.52
C PHE A 150 15.69 -14.18 7.25
N GLY A 151 16.93 -14.37 6.81
CA GLY A 151 17.24 -15.19 5.63
C GLY A 151 16.84 -16.65 5.78
N LEU A 152 16.89 -17.18 7.00
CA LEU A 152 16.51 -18.55 7.29
C LEU A 152 15.06 -18.69 7.77
N ALA A 153 14.33 -17.58 7.79
CA ALA A 153 12.98 -17.54 8.34
C ALA A 153 11.97 -18.22 7.43
N ARG A 154 10.82 -18.59 8.00
CA ARG A 154 9.72 -19.01 7.16
C ARG A 154 8.32 -18.79 7.74
N ALA A 155 7.35 -18.64 6.85
CA ALA A 155 5.95 -18.58 7.22
C ALA A 155 5.53 -20.00 7.55
N PHE A 156 4.94 -20.20 8.73
CA PHE A 156 4.44 -21.54 9.06
C PHE A 156 2.92 -21.61 9.01
N GLY A 157 2.40 -22.81 9.21
CA GLY A 157 0.96 -23.02 9.19
C GLY A 157 0.51 -23.64 10.50
N VAL A 158 -0.79 -23.67 10.70
CA VAL A 158 -1.38 -24.19 11.92
C VAL A 158 -2.27 -25.36 11.47
N PRO A 159 -1.94 -26.60 11.85
CA PRO A 159 -0.71 -26.92 12.58
C PRO A 159 0.44 -27.03 11.58
N VAL A 160 1.68 -27.14 12.05
CA VAL A 160 2.82 -27.16 11.12
C VAL A 160 2.85 -28.44 10.31
N ARG A 161 3.43 -28.37 9.13
CA ARG A 161 3.89 -29.60 8.47
C ARG A 161 5.42 -29.64 8.55
N THR A 162 6.00 -30.66 7.95
CA THR A 162 7.46 -30.80 7.90
C THR A 162 8.11 -29.66 7.14
N TYR A 163 9.07 -28.99 7.77
CA TYR A 163 9.87 -27.95 7.10
C TYR A 163 11.32 -28.40 6.97
N TPO A 164 12.17 -27.53 6.42
CA TPO A 164 13.60 -27.82 6.22
CB TPO A 164 14.33 -26.56 5.73
CG2 TPO A 164 15.82 -26.80 5.44
OG1 TPO A 164 13.69 -26.13 4.54
P TPO A 164 12.80 -24.78 4.53
O1P TPO A 164 12.13 -24.62 3.10
O2P TPO A 164 11.71 -24.94 5.62
O3P TPO A 164 13.82 -23.60 4.79
C TPO A 164 14.25 -28.34 7.49
O TPO A 164 14.12 -27.74 8.56
N HIS A 165 14.95 -29.47 7.37
CA HIS A 165 15.67 -30.04 8.51
C HIS A 165 16.94 -29.29 8.89
N GLU A 166 17.65 -28.77 7.91
CA GLU A 166 18.96 -28.14 8.16
C GLU A 166 18.78 -26.70 8.61
N VAL A 167 18.44 -26.56 9.88
CA VAL A 167 18.07 -25.26 10.39
C VAL A 167 18.65 -24.99 11.79
N VAL A 168 18.91 -23.71 12.04
CA VAL A 168 19.49 -23.17 13.28
C VAL A 168 20.97 -23.52 13.36
N THR A 169 21.78 -22.51 13.63
CA THR A 169 23.20 -22.69 13.92
C THR A 169 23.35 -23.70 15.06
N LEU A 170 24.25 -24.66 14.87
CA LEU A 170 24.36 -25.86 15.71
C LEU A 170 24.28 -25.58 17.21
N TRP A 171 25.05 -24.61 17.71
CA TRP A 171 25.12 -24.34 19.14
C TRP A 171 23.77 -23.95 19.74
N TYR A 172 22.86 -23.45 18.89
CA TYR A 172 21.57 -22.91 19.32
C TYR A 172 20.41 -23.80 18.87
N ARG A 173 20.74 -24.95 18.29
CA ARG A 173 19.76 -25.85 17.69
C ARG A 173 19.02 -26.74 18.70
N ALA A 174 17.70 -26.77 18.61
CA ALA A 174 16.87 -27.46 19.61
C ALA A 174 17.00 -28.99 19.50
N PRO A 175 16.80 -29.70 20.61
CA PRO A 175 16.91 -31.16 20.63
C PRO A 175 15.95 -31.86 19.70
N GLU A 176 14.75 -31.31 19.50
CA GLU A 176 13.79 -31.92 18.59
C GLU A 176 14.27 -31.90 17.13
N ILE A 177 15.05 -30.90 16.74
CA ILE A 177 15.64 -30.87 15.40
C ILE A 177 16.79 -31.89 15.35
N LEU A 178 17.68 -31.83 16.34
CA LEU A 178 18.77 -32.79 16.47
C LEU A 178 18.31 -34.26 16.44
N LEU A 179 17.15 -34.55 17.02
CA LEU A 179 16.65 -35.92 17.04
C LEU A 179 15.76 -36.28 15.84
N GLY A 180 15.63 -35.35 14.90
CA GLY A 180 14.91 -35.62 13.66
C GLY A 180 13.39 -35.65 13.70
N CYS A 181 12.76 -34.99 14.67
CA CYS A 181 11.30 -34.90 14.70
C CYS A 181 10.74 -34.46 13.34
N LYS A 182 9.69 -35.13 12.89
CA LYS A 182 8.98 -34.76 11.67
C LYS A 182 8.46 -33.32 11.76
N TYR A 183 8.04 -32.92 12.96
CA TYR A 183 7.45 -31.62 13.17
C TYR A 183 8.29 -30.81 14.15
N TYR A 184 8.63 -29.59 13.76
CA TYR A 184 9.10 -28.61 14.73
C TYR A 184 8.32 -27.31 14.54
N SER A 185 8.27 -26.49 15.58
CA SER A 185 7.54 -25.23 15.46
C SER A 185 8.19 -24.11 16.29
N THR A 186 7.36 -23.22 16.86
CA THR A 186 7.85 -22.00 17.50
C THR A 186 8.81 -22.28 18.66
N ALA A 187 8.64 -23.42 19.32
CA ALA A 187 9.53 -23.82 20.41
C ALA A 187 11.03 -23.82 20.03
N VAL A 188 11.36 -24.02 18.75
CA VAL A 188 12.77 -24.01 18.34
C VAL A 188 13.45 -22.66 18.58
N ASP A 189 12.70 -21.58 18.34
CA ASP A 189 13.23 -20.22 18.54
C ASP A 189 13.38 -19.92 20.03
N ILE A 190 12.48 -20.46 20.86
CA ILE A 190 12.60 -20.29 22.31
C ILE A 190 13.84 -20.99 22.84
N TRP A 191 14.08 -22.21 22.36
CA TRP A 191 15.32 -22.95 22.71
C TRP A 191 16.54 -22.08 22.48
N SER A 192 16.66 -21.54 21.28
CA SER A 192 17.78 -20.64 20.95
C SER A 192 17.90 -19.47 21.90
N LEU A 193 16.77 -18.83 22.20
CA LEU A 193 16.80 -17.68 23.11
C LEU A 193 17.24 -18.10 24.52
N GLY A 194 16.86 -19.31 24.92
CA GLY A 194 17.27 -19.83 26.22
C GLY A 194 18.79 -20.02 26.27
N CYS A 195 19.37 -20.58 25.21
CA CYS A 195 20.84 -20.65 25.07
C CYS A 195 21.49 -19.27 25.13
N ILE A 196 20.87 -18.29 24.48
CA ILE A 196 21.39 -16.91 24.45
C ILE A 196 21.29 -16.23 25.82
N PHE A 197 20.18 -16.45 26.53
CA PHE A 197 20.02 -15.97 27.92
C PHE A 197 21.22 -16.45 28.78
N ALA A 198 21.48 -17.74 28.76
CA ALA A 198 22.60 -18.33 29.51
C ALA A 198 23.93 -17.68 29.09
N GLU A 199 24.14 -17.56 27.79
CA GLU A 199 25.33 -16.94 27.23
C GLU A 199 25.53 -15.48 27.65
N MET A 200 24.46 -14.70 27.78
CA MET A 200 24.59 -13.32 28.25
C MET A 200 25.09 -13.31 29.68
N VAL A 201 24.69 -14.29 30.47
CA VAL A 201 25.09 -14.37 31.87
C VAL A 201 26.55 -14.87 32.03
N THR A 202 26.92 -15.92 31.30
CA THR A 202 28.27 -16.54 31.42
C THR A 202 29.28 -15.99 30.41
N ARG A 203 28.77 -15.36 29.35
CA ARG A 203 29.58 -14.88 28.21
C ARG A 203 30.29 -16.01 27.46
N ARG A 204 29.82 -17.23 27.65
CA ARG A 204 30.30 -18.36 26.84
C ARG A 204 29.08 -19.15 26.37
N ALA A 205 29.18 -19.79 25.21
CA ALA A 205 28.04 -20.53 24.67
C ALA A 205 27.72 -21.68 25.60
N LEU A 206 26.43 -21.92 25.78
CA LEU A 206 25.97 -22.96 26.71
C LEU A 206 26.32 -24.36 26.22
N PHE A 207 26.16 -24.57 24.91
CA PHE A 207 26.28 -25.89 24.29
C PHE A 207 27.14 -25.76 23.01
N PRO A 208 28.45 -25.55 23.13
CA PRO A 208 29.29 -25.38 21.95
C PRO A 208 29.77 -26.69 21.30
N GLY A 209 28.86 -27.43 20.68
CA GLY A 209 29.20 -28.69 20.03
C GLY A 209 29.84 -28.49 18.66
N ASP A 210 30.55 -29.50 18.19
CA ASP A 210 31.14 -29.42 16.85
C ASP A 210 30.61 -30.47 15.88
N SER A 211 29.61 -31.22 16.31
CA SER A 211 28.84 -32.11 15.45
C SER A 211 27.48 -32.24 16.10
N GLU A 212 26.52 -32.81 15.37
CA GLU A 212 25.17 -33.02 15.91
C GLU A 212 25.16 -33.93 17.13
N ILE A 213 25.93 -35.02 17.09
CA ILE A 213 25.97 -35.91 18.25
C ILE A 213 26.66 -35.27 19.46
N ASP A 214 27.75 -34.55 19.23
CA ASP A 214 28.41 -33.83 20.31
C ASP A 214 27.43 -32.81 20.92
N GLN A 215 26.68 -32.13 20.06
CA GLN A 215 25.69 -31.14 20.50
C GLN A 215 24.65 -31.78 21.42
N LEU A 216 24.06 -32.88 20.96
CA LEU A 216 23.11 -33.63 21.78
C LEU A 216 23.71 -34.05 23.12
N PHE A 217 24.94 -34.60 23.08
CA PHE A 217 25.55 -35.11 24.31
C PHE A 217 25.86 -33.99 25.30
N ARG A 218 26.27 -32.83 24.79
CA ARG A 218 26.47 -31.67 25.66
C ARG A 218 25.16 -31.23 26.30
N ILE A 219 24.08 -31.23 25.53
CA ILE A 219 22.77 -30.92 26.08
C ILE A 219 22.37 -31.94 27.16
N PHE A 220 22.51 -33.23 26.85
CA PHE A 220 22.20 -34.32 27.80
C PHE A 220 22.97 -34.22 29.12
N ARG A 221 24.26 -33.88 29.04
CA ARG A 221 25.08 -33.78 30.26
C ARG A 221 24.70 -32.62 31.13
N THR A 222 23.96 -31.67 30.56
CA THR A 222 23.52 -30.52 31.30
C THR A 222 22.11 -30.72 31.82
N LEU A 223 21.22 -31.19 30.95
CA LEU A 223 19.80 -31.22 31.30
C LEU A 223 19.34 -32.62 31.67
N GLY A 224 20.26 -33.58 31.52
CA GLY A 224 19.95 -34.97 31.73
C GLY A 224 19.56 -35.57 30.42
N THR A 225 19.84 -36.86 30.24
CA THR A 225 19.35 -37.57 29.08
C THR A 225 17.84 -37.75 29.21
N PRO A 226 17.08 -37.29 28.20
CA PRO A 226 15.62 -37.32 28.31
C PRO A 226 15.07 -38.74 28.21
N ASP A 227 14.13 -39.07 29.09
CA ASP A 227 13.37 -40.33 28.99
C ASP A 227 11.92 -40.05 28.63
N GLU A 228 11.12 -41.12 28.58
CA GLU A 228 9.70 -41.00 28.27
C GLU A 228 8.92 -40.23 29.33
N VAL A 229 9.44 -40.20 30.57
CA VAL A 229 8.82 -39.38 31.61
C VAL A 229 8.91 -37.90 31.27
N VAL A 230 10.14 -37.40 31.10
CA VAL A 230 10.35 -35.99 30.85
C VAL A 230 9.81 -35.56 29.47
N TRP A 231 9.88 -36.47 28.50
CA TRP A 231 9.58 -36.13 27.12
C TRP A 231 8.91 -37.32 26.44
N PRO A 232 7.60 -37.47 26.61
CA PRO A 232 6.87 -38.57 25.97
C PRO A 232 7.11 -38.59 24.48
N GLY A 233 7.45 -39.78 23.99
CA GLY A 233 7.79 -39.94 22.59
C GLY A 233 9.27 -39.85 22.24
N VAL A 234 10.15 -39.43 23.16
CA VAL A 234 11.59 -39.28 22.80
C VAL A 234 12.19 -40.53 22.17
N THR A 235 11.87 -41.70 22.73
CA THR A 235 12.55 -42.95 22.37
C THR A 235 12.15 -43.45 21.00
N SER A 236 11.09 -42.90 20.44
CA SER A 236 10.62 -43.31 19.12
C SER A 236 11.02 -42.28 18.06
N MET A 237 11.71 -41.23 18.49
CA MET A 237 12.16 -40.19 17.55
C MET A 237 13.20 -40.73 16.57
N PRO A 238 13.13 -40.29 15.31
CA PRO A 238 14.00 -40.83 14.25
C PRO A 238 15.45 -41.05 14.65
N ASP A 239 16.09 -40.07 15.29
CA ASP A 239 17.52 -40.15 15.56
C ASP A 239 17.87 -40.41 17.03
N TYR A 240 16.88 -40.86 17.79
CA TYR A 240 17.15 -41.33 19.14
C TYR A 240 17.78 -42.71 19.01
N LYS A 241 18.76 -42.99 19.85
CA LYS A 241 19.34 -44.34 19.89
C LYS A 241 19.32 -44.82 21.33
N PRO A 242 18.88 -46.06 21.55
CA PRO A 242 18.86 -46.62 22.91
C PRO A 242 20.26 -46.62 23.52
N SER A 243 21.30 -46.58 22.69
CA SER A 243 22.68 -46.56 23.19
C SER A 243 23.17 -45.23 23.79
N PHE A 244 22.39 -44.14 23.61
CA PHE A 244 22.73 -42.86 24.25
C PHE A 244 23.07 -43.06 25.73
N PRO A 245 24.19 -42.52 26.18
CA PRO A 245 24.48 -42.51 27.62
C PRO A 245 23.35 -41.81 28.38
N LYS A 246 23.07 -42.31 29.57
CA LYS A 246 21.99 -41.78 30.38
C LYS A 246 22.55 -40.89 31.48
N TRP A 247 22.68 -39.60 31.19
CA TRP A 247 23.27 -38.68 32.15
C TRP A 247 22.18 -38.17 33.09
N ALA A 248 22.53 -38.03 34.36
CA ALA A 248 21.65 -37.45 35.37
C ALA A 248 21.54 -35.95 35.11
N ARG A 249 20.39 -35.37 35.42
CA ARG A 249 20.19 -33.95 35.23
C ARG A 249 20.92 -33.20 36.32
N GLN A 250 21.58 -32.11 35.95
CA GLN A 250 22.26 -31.30 36.94
C GLN A 250 21.34 -30.29 37.63
N ASP A 251 21.71 -29.96 38.86
CA ASP A 251 21.17 -28.82 39.58
C ASP A 251 21.31 -27.58 38.69
N PHE A 252 20.18 -26.96 38.35
CA PHE A 252 20.17 -25.77 37.49
C PHE A 252 20.95 -24.60 38.02
N SER A 253 21.05 -24.48 39.35
CA SER A 253 21.87 -23.45 39.95
C SER A 253 23.31 -23.57 39.49
N LYS A 254 23.71 -24.76 39.01
CA LYS A 254 25.08 -24.98 38.55
C LYS A 254 25.23 -24.73 37.06
N VAL A 255 24.11 -24.74 36.32
CA VAL A 255 24.16 -24.49 34.89
C VAL A 255 24.57 -23.04 34.59
N VAL A 256 23.95 -22.09 35.30
CA VAL A 256 24.30 -20.68 35.15
C VAL A 256 24.37 -20.10 36.56
N PRO A 257 25.51 -20.28 37.23
CA PRO A 257 25.60 -19.97 38.67
C PRO A 257 25.22 -18.54 39.12
N PRO A 258 25.49 -17.45 38.38
CA PRO A 258 25.07 -16.12 38.85
C PRO A 258 23.54 -15.90 38.88
N LEU A 259 22.78 -16.75 38.21
CA LEU A 259 21.32 -16.58 38.11
C LEU A 259 20.66 -16.84 39.46
N ASP A 260 19.69 -16.00 39.81
CA ASP A 260 18.94 -16.22 41.03
C ASP A 260 17.65 -16.96 40.71
N GLU A 261 16.82 -17.18 41.73
CA GLU A 261 15.67 -18.06 41.59
C GLU A 261 14.78 -17.81 40.36
N ASP A 262 14.40 -16.55 40.15
CA ASP A 262 13.49 -16.23 39.05
C ASP A 262 14.16 -16.51 37.69
N GLY A 263 15.42 -16.08 37.56
CA GLY A 263 16.16 -16.27 36.33
C GLY A 263 16.27 -17.74 35.97
N ARG A 264 16.63 -18.55 36.96
CA ARG A 264 16.72 -20.00 36.80
C ARG A 264 15.41 -20.61 36.41
N SER A 265 14.32 -20.17 37.06
CA SER A 265 13.00 -20.68 36.71
C SER A 265 12.72 -20.45 35.21
N LEU A 266 12.96 -19.23 34.76
CA LEU A 266 12.68 -18.88 33.36
C LEU A 266 13.56 -19.69 32.40
N LEU A 267 14.85 -19.76 32.69
CA LEU A 267 15.76 -20.48 31.81
C LEU A 267 15.32 -21.93 31.72
N SER A 268 14.94 -22.54 32.84
CA SER A 268 14.56 -23.95 32.81
C SER A 268 13.32 -24.17 31.96
N GLN A 269 12.40 -23.20 31.95
CA GLN A 269 11.20 -23.34 31.14
C GLN A 269 11.52 -23.11 29.65
N MET A 270 12.51 -22.28 29.35
CA MET A 270 12.93 -22.07 27.97
C MET A 270 13.75 -23.27 27.44
N LEU A 271 14.32 -24.07 28.33
CA LEU A 271 15.12 -25.24 27.92
C LEU A 271 14.45 -26.58 28.25
N HIS A 272 13.12 -26.54 28.42
CA HIS A 272 12.35 -27.76 28.65
C HIS A 272 12.50 -28.64 27.41
N TYR A 273 12.70 -29.95 27.60
CA TYR A 273 12.87 -30.85 26.47
C TYR A 273 11.65 -30.93 25.55
N ASP A 274 10.49 -31.15 26.17
CA ASP A 274 9.27 -31.35 25.40
C ASP A 274 8.87 -29.99 24.84
N PRO A 275 8.86 -29.87 23.51
CA PRO A 275 8.47 -28.60 22.86
C PRO A 275 7.08 -28.13 23.28
N ASN A 276 6.16 -29.07 23.51
CA ASN A 276 4.82 -28.77 24.02
C ASN A 276 4.83 -28.07 25.39
N LYS A 277 5.75 -28.47 26.27
CA LYS A 277 5.85 -27.90 27.60
C LYS A 277 6.76 -26.68 27.65
N ARG A 278 7.64 -26.54 26.67
CA ARG A 278 8.57 -25.41 26.63
C ARG A 278 7.76 -24.11 26.55
N ILE A 279 8.15 -23.11 27.33
CA ILE A 279 7.40 -21.85 27.43
C ILE A 279 7.35 -21.04 26.10
N SER A 280 6.20 -20.42 25.82
CA SER A 280 6.05 -19.58 24.63
C SER A 280 6.66 -18.21 24.93
N ALA A 281 7.05 -17.47 23.89
CA ALA A 281 7.58 -16.12 24.11
C ALA A 281 6.53 -15.24 24.76
N LYS A 282 5.28 -15.42 24.35
CA LYS A 282 4.15 -14.65 24.88
C LYS A 282 4.04 -14.86 26.40
N ALA A 283 4.00 -16.12 26.82
CA ALA A 283 3.95 -16.47 28.26
C ALA A 283 5.16 -15.99 29.07
N ALA A 284 6.33 -16.08 28.45
CA ALA A 284 7.55 -15.71 29.15
C ALA A 284 7.59 -14.22 29.51
N LEU A 285 6.88 -13.38 28.76
CA LEU A 285 6.85 -11.94 29.04
C LEU A 285 6.34 -11.61 30.44
N ALA A 286 5.47 -12.47 30.94
CA ALA A 286 4.86 -12.28 32.25
C ALA A 286 5.58 -13.03 33.37
N HIS A 287 6.74 -13.61 33.05
CA HIS A 287 7.52 -14.31 34.07
C HIS A 287 8.04 -13.35 35.16
N PRO A 288 7.98 -13.77 36.43
CA PRO A 288 8.41 -12.92 37.55
C PRO A 288 9.85 -12.39 37.43
N PHE A 289 10.71 -13.06 36.66
CA PHE A 289 12.04 -12.53 36.33
C PHE A 289 11.97 -11.07 35.86
N PHE A 290 10.92 -10.71 35.13
CA PHE A 290 10.85 -9.38 34.52
C PHE A 290 10.11 -8.33 35.36
N GLN A 291 9.82 -8.64 36.63
CA GLN A 291 8.99 -7.73 37.42
C GLN A 291 9.60 -6.34 37.58
N ASP A 292 10.92 -6.25 37.63
CA ASP A 292 11.59 -4.96 37.74
C ASP A 292 12.31 -4.54 36.44
N VAL A 293 11.90 -5.08 35.30
CA VAL A 293 12.59 -4.79 34.03
C VAL A 293 12.50 -3.29 33.69
N THR A 294 13.61 -2.72 33.24
CA THR A 294 13.65 -1.38 32.61
C THR A 294 14.39 -1.47 31.28
N LYS A 295 14.68 -0.33 30.66
CA LYS A 295 15.43 -0.32 29.41
C LYS A 295 16.58 0.67 29.44
N PRO A 296 17.63 0.32 30.18
CA PRO A 296 18.79 1.18 30.28
C PRO A 296 19.64 1.09 29.01
N VAL A 297 20.38 2.16 28.75
CA VAL A 297 21.40 2.21 27.70
C VAL A 297 22.49 1.16 28.01
N PRO A 298 23.15 0.62 26.98
CA PRO A 298 24.34 -0.21 27.22
C PRO A 298 25.36 0.53 28.05
N HIS A 299 26.07 -0.19 28.92
CA HIS A 299 27.06 0.40 29.79
C HIS A 299 28.38 0.75 29.07
N LEU A 300 28.45 0.45 27.79
CA LEU A 300 29.67 0.65 26.98
C LEU A 300 29.39 1.30 25.63
N ARG A 301 30.36 2.08 25.17
CA ARG A 301 30.54 2.51 23.76
C ARG A 301 30.83 4.01 23.67
N ASP B 5 -1.42 -22.80 20.42
CA ASP B 5 -0.03 -22.36 20.06
C ASP B 5 -0.03 -21.10 19.18
N TYR B 6 -0.51 -19.98 19.72
CA TYR B 6 -0.69 -18.75 18.93
C TYR B 6 -1.81 -18.94 17.92
N HIS B 7 -2.60 -20.00 18.12
CA HIS B 7 -3.59 -20.38 17.11
C HIS B 7 -4.57 -19.24 16.88
N GLU B 8 -5.04 -18.62 17.96
CA GLU B 8 -6.02 -17.51 17.84
C GLU B 8 -5.39 -16.27 17.18
N ASP B 9 -4.22 -15.86 17.68
CA ASP B 9 -3.46 -14.75 17.09
C ASP B 9 -3.26 -14.92 15.60
N ILE B 10 -2.83 -16.11 15.20
CA ILE B 10 -2.55 -16.38 13.80
C ILE B 10 -3.84 -16.34 12.97
N HIS B 11 -4.92 -16.92 13.50
CA HIS B 11 -6.18 -16.93 12.76
C HIS B 11 -6.65 -15.49 12.50
N THR B 12 -6.59 -14.66 13.54
CA THR B 12 -6.99 -13.26 13.47
C THR B 12 -6.16 -12.52 12.44
N TYR B 13 -4.84 -12.76 12.48
CA TYR B 13 -3.94 -12.14 11.54
C TYR B 13 -4.21 -12.56 10.09
N LEU B 14 -4.46 -13.84 9.86
CA LEU B 14 -4.79 -14.29 8.51
C LEU B 14 -6.10 -13.69 8.01
N ARG B 15 -7.07 -13.49 8.92
CA ARG B 15 -8.35 -12.90 8.54
C ARG B 15 -8.18 -11.44 8.09
N GLU B 16 -7.26 -10.71 8.74
CA GLU B 16 -6.85 -9.36 8.31
C GLU B 16 -6.15 -9.41 6.96
N MET B 17 -5.18 -10.32 6.82
CA MET B 17 -4.35 -10.34 5.62
C MET B 17 -5.09 -10.83 4.39
N GLU B 18 -6.06 -11.73 4.55
CA GLU B 18 -6.75 -12.25 3.36
C GLU B 18 -7.53 -11.15 2.68
N VAL B 19 -8.03 -10.19 3.46
CA VAL B 19 -8.74 -9.04 2.90
C VAL B 19 -7.76 -8.19 2.11
N LYS B 20 -6.58 -7.95 2.68
CA LYS B 20 -5.53 -7.20 2.00
C LYS B 20 -4.97 -7.90 0.75
N CYS B 21 -4.99 -9.23 0.75
CA CYS B 21 -4.34 -10.00 -0.31
C CYS B 21 -5.32 -10.44 -1.38
N LYS B 22 -6.56 -9.98 -1.27
CA LYS B 22 -7.64 -10.39 -2.16
C LYS B 22 -7.48 -9.76 -3.55
N PRO B 23 -7.56 -10.57 -4.60
CA PRO B 23 -7.55 -10.05 -5.96
C PRO B 23 -8.83 -9.25 -6.23
N LYS B 24 -8.81 -8.46 -7.29
CA LYS B 24 -10.00 -7.69 -7.68
C LYS B 24 -11.03 -8.64 -8.27
N VAL B 25 -12.23 -8.65 -7.68
CA VAL B 25 -13.28 -9.58 -8.08
C VAL B 25 -13.62 -9.44 -9.57
N GLY B 26 -13.64 -8.21 -10.07
CA GLY B 26 -14.08 -7.97 -11.44
C GLY B 26 -13.05 -7.94 -12.55
N TYR B 27 -11.81 -8.39 -12.29
CA TYR B 27 -10.70 -8.17 -13.23
C TYR B 27 -10.83 -8.79 -14.63
N MET B 28 -11.41 -9.99 -14.71
CA MET B 28 -11.47 -10.69 -16.00
C MET B 28 -12.24 -9.89 -17.07
N LYS B 29 -13.32 -9.24 -16.65
CA LYS B 29 -14.11 -8.38 -17.53
C LYS B 29 -13.26 -7.28 -18.14
N LYS B 30 -12.27 -6.82 -17.36
CA LYS B 30 -11.37 -5.74 -17.79
C LYS B 30 -10.08 -6.23 -18.48
N GLN B 31 -9.97 -7.53 -18.72
CA GLN B 31 -8.87 -8.08 -19.50
C GLN B 31 -9.33 -8.23 -20.95
N PRO B 32 -8.67 -7.53 -21.88
CA PRO B 32 -9.08 -7.56 -23.30
C PRO B 32 -8.97 -8.96 -23.90
N ASP B 33 -7.88 -9.67 -23.63
CA ASP B 33 -7.55 -10.86 -24.40
C ASP B 33 -7.71 -12.20 -23.69
N ILE B 34 -7.92 -12.19 -22.38
CA ILE B 34 -8.07 -13.46 -21.67
C ILE B 34 -9.41 -13.58 -21.00
N THR B 35 -9.84 -14.84 -20.82
CA THR B 35 -11.14 -15.18 -20.27
C THR B 35 -11.01 -16.10 -19.06
N ASN B 36 -12.12 -16.29 -18.35
CA ASN B 36 -12.22 -17.26 -17.27
C ASN B 36 -11.81 -18.66 -17.69
N SER B 37 -12.22 -19.07 -18.89
CA SER B 37 -11.88 -20.40 -19.41
C SER B 37 -10.39 -20.56 -19.65
N MET B 38 -9.74 -19.54 -20.21
CA MET B 38 -8.28 -19.58 -20.35
C MET B 38 -7.59 -19.68 -18.99
N ARG B 39 -8.15 -18.99 -17.99
CA ARG B 39 -7.62 -19.06 -16.64
C ARG B 39 -7.82 -20.46 -16.05
N ALA B 40 -9.00 -21.03 -16.29
CA ALA B 40 -9.28 -22.41 -15.89
C ALA B 40 -8.27 -23.39 -16.47
N ILE B 41 -7.95 -23.24 -17.75
CA ILE B 41 -6.95 -24.08 -18.40
C ILE B 41 -5.57 -23.94 -17.73
N LEU B 42 -5.19 -22.69 -17.45
CA LEU B 42 -3.92 -22.43 -16.75
C LEU B 42 -3.83 -23.11 -15.38
N VAL B 43 -4.82 -22.85 -14.52
CA VAL B 43 -4.80 -23.40 -13.16
C VAL B 43 -4.82 -24.94 -13.21
N ASP B 44 -5.61 -25.51 -14.11
CA ASP B 44 -5.64 -26.98 -14.26
C ASP B 44 -4.26 -27.52 -14.63
N TRP B 45 -3.57 -26.81 -15.53
CA TRP B 45 -2.18 -27.14 -15.87
C TRP B 45 -1.24 -27.06 -14.65
N LEU B 46 -1.38 -26.00 -13.85
CA LEU B 46 -0.59 -25.88 -12.62
C LEU B 46 -0.82 -27.04 -11.65
N VAL B 47 -2.05 -27.51 -11.53
CA VAL B 47 -2.35 -28.71 -10.75
C VAL B 47 -1.48 -29.87 -11.24
N GLU B 48 -1.45 -30.08 -12.56
CA GLU B 48 -0.60 -31.11 -13.19
C GLU B 48 0.89 -30.90 -12.90
N VAL B 49 1.34 -29.65 -13.01
CA VAL B 49 2.73 -29.33 -12.66
C VAL B 49 3.02 -29.69 -11.20
N GLY B 50 2.12 -29.29 -10.29
CA GLY B 50 2.22 -29.65 -8.89
C GLY B 50 2.34 -31.15 -8.66
N GLU B 51 1.54 -31.93 -9.39
CA GLU B 51 1.61 -33.39 -9.29
C GLU B 51 2.92 -33.94 -9.82
N GLU B 52 3.36 -33.43 -10.96
CA GLU B 52 4.60 -33.86 -11.61
C GLU B 52 5.80 -33.69 -10.70
N TYR B 53 5.87 -32.56 -10.01
CA TYR B 53 7.01 -32.29 -9.15
C TYR B 53 6.73 -32.55 -7.67
N LYS B 54 5.60 -33.20 -7.39
CA LYS B 54 5.16 -33.54 -6.02
C LYS B 54 5.23 -32.32 -5.08
N LEU B 55 4.66 -31.21 -5.55
CA LEU B 55 4.66 -29.97 -4.79
C LEU B 55 3.52 -29.98 -3.77
N GLN B 56 3.65 -29.14 -2.76
CA GLN B 56 2.60 -28.98 -1.76
C GLN B 56 1.35 -28.37 -2.37
N ASN B 57 0.20 -28.79 -1.85
CA ASN B 57 -1.04 -28.10 -2.19
C ASN B 57 -0.97 -26.60 -1.86
N GLU B 58 -0.35 -26.25 -0.74
CA GLU B 58 -0.15 -24.82 -0.37
C GLU B 58 0.52 -24.03 -1.51
N THR B 59 1.53 -24.64 -2.15
CA THR B 59 2.29 -24.01 -3.22
C THR B 59 1.40 -23.66 -4.41
N LEU B 60 0.50 -24.59 -4.77
CA LEU B 60 -0.51 -24.40 -5.78
C LEU B 60 -1.43 -23.22 -5.43
N HIS B 61 -1.97 -23.23 -4.22
CA HIS B 61 -2.88 -22.16 -3.78
C HIS B 61 -2.19 -20.78 -3.83
N LEU B 62 -0.94 -20.72 -3.41
CA LEU B 62 -0.16 -19.48 -3.42
C LEU B 62 0.03 -18.97 -4.85
N ALA B 63 0.43 -19.88 -5.75
CA ALA B 63 0.63 -19.48 -7.15
C ALA B 63 -0.62 -18.87 -7.77
N VAL B 64 -1.79 -19.46 -7.49
CA VAL B 64 -3.04 -18.96 -8.01
C VAL B 64 -3.38 -17.58 -7.43
N ASN B 65 -3.07 -17.39 -6.14
CA ASN B 65 -3.23 -16.06 -5.53
C ASN B 65 -2.34 -15.03 -6.27
N TYR B 66 -1.10 -15.42 -6.57
CA TYR B 66 -0.18 -14.49 -7.23
C TYR B 66 -0.68 -14.09 -8.62
N ILE B 67 -1.17 -15.09 -9.36
CA ILE B 67 -1.72 -14.89 -10.70
C ILE B 67 -2.89 -13.95 -10.70
N ASP B 68 -3.87 -14.21 -9.84
CA ASP B 68 -5.07 -13.38 -9.80
C ASP B 68 -4.78 -11.92 -9.38
N ARG B 69 -3.81 -11.75 -8.48
CA ARG B 69 -3.41 -10.41 -8.04
C ARG B 69 -2.65 -9.71 -9.17
N PHE B 70 -1.79 -10.45 -9.86
CA PHE B 70 -1.05 -9.92 -11.01
C PHE B 70 -2.02 -9.46 -12.10
N LEU B 71 -2.95 -10.34 -12.48
CA LEU B 71 -3.96 -10.05 -13.50
C LEU B 71 -4.98 -8.99 -13.06
N SER B 72 -5.07 -8.73 -11.76
CA SER B 72 -5.92 -7.64 -11.26
C SER B 72 -5.40 -6.27 -11.67
N SER B 73 -4.12 -6.16 -11.98
CA SER B 73 -3.57 -4.86 -12.39
C SER B 73 -2.89 -4.85 -13.75
N MET B 74 -2.47 -6.03 -14.21
CA MET B 74 -1.72 -6.13 -15.46
C MET B 74 -2.50 -6.82 -16.54
N SER B 75 -2.71 -6.09 -17.64
CA SER B 75 -3.23 -6.64 -18.88
C SER B 75 -2.24 -7.63 -19.50
N VAL B 76 -2.74 -8.81 -19.84
CA VAL B 76 -1.89 -9.87 -20.36
C VAL B 76 -2.52 -10.49 -21.59
N LEU B 77 -1.73 -10.60 -22.65
CA LEU B 77 -2.14 -11.31 -23.85
C LEU B 77 -2.12 -12.81 -23.63
N ARG B 78 -3.03 -13.49 -24.33
CA ARG B 78 -3.21 -14.93 -24.16
C ARG B 78 -1.92 -15.75 -24.30
N GLY B 79 -1.07 -15.40 -25.26
CA GLY B 79 0.19 -16.08 -25.46
C GLY B 79 1.22 -15.93 -24.34
N LYS B 80 0.97 -15.02 -23.41
CA LYS B 80 1.87 -14.78 -22.26
C LYS B 80 1.28 -15.22 -20.92
N LEU B 81 0.03 -15.67 -20.91
CA LEU B 81 -0.62 -16.07 -19.65
C LEU B 81 0.12 -17.23 -18.97
N GLN B 82 0.58 -18.19 -19.77
CA GLN B 82 1.34 -19.32 -19.23
C GLN B 82 2.67 -18.88 -18.64
N LEU B 83 3.27 -17.85 -19.21
CA LEU B 83 4.51 -17.31 -18.68
C LEU B 83 4.28 -16.69 -17.30
N VAL B 84 3.18 -15.96 -17.16
CA VAL B 84 2.78 -15.41 -15.86
C VAL B 84 2.57 -16.56 -14.84
N GLY B 85 1.83 -17.59 -15.25
CA GLY B 85 1.55 -18.72 -14.38
C GLY B 85 2.81 -19.45 -13.95
N THR B 86 3.71 -19.61 -14.90
CA THR B 86 4.98 -20.29 -14.68
C THR B 86 5.86 -19.59 -13.66
N ALA B 87 6.05 -18.28 -13.85
CA ALA B 87 6.78 -17.45 -12.89
C ALA B 87 6.12 -17.47 -11.51
N ALA B 88 4.78 -17.40 -11.48
CA ALA B 88 4.04 -17.45 -10.22
C ALA B 88 4.31 -18.78 -9.47
N MET B 89 4.37 -19.87 -10.20
CA MET B 89 4.61 -21.19 -9.62
C MET B 89 6.05 -21.33 -9.15
N LEU B 90 6.98 -20.73 -9.88
CA LEU B 90 8.38 -20.68 -9.45
C LEU B 90 8.54 -19.89 -8.14
N LEU B 91 7.92 -18.71 -8.07
CA LEU B 91 7.90 -17.92 -6.82
C LEU B 91 7.24 -18.65 -5.64
N ALA B 92 6.06 -19.23 -5.90
CA ALA B 92 5.36 -20.00 -4.87
C ALA B 92 6.24 -21.11 -4.34
N SER B 93 6.92 -21.81 -5.25
CA SER B 93 7.80 -22.92 -4.88
C SER B 93 8.98 -22.46 -4.02
N LYS B 94 9.65 -21.39 -4.47
CA LYS B 94 10.76 -20.80 -3.70
C LYS B 94 10.31 -20.37 -2.30
N PHE B 95 9.09 -19.83 -2.20
CA PHE B 95 8.57 -19.37 -0.91
C PHE B 95 8.26 -20.55 0.03
N GLU B 96 7.59 -21.57 -0.51
CA GLU B 96 6.89 -22.58 0.28
C GLU B 96 7.62 -23.94 0.37
N GLU B 97 8.36 -24.31 -0.66
CA GLU B 97 8.92 -25.66 -0.75
C GLU B 97 10.29 -25.78 -0.10
N ILE B 98 10.53 -26.92 0.54
CA ILE B 98 11.87 -27.23 1.07
C ILE B 98 12.84 -27.37 -0.11
N TYR B 99 12.43 -28.11 -1.14
CA TYR B 99 13.22 -28.26 -2.38
C TYR B 99 12.40 -27.85 -3.60
N PRO B 100 12.44 -26.56 -3.95
CA PRO B 100 11.72 -26.11 -5.15
C PRO B 100 12.40 -26.69 -6.41
N PRO B 101 11.64 -26.97 -7.46
CA PRO B 101 12.25 -27.35 -8.73
C PRO B 101 13.16 -26.23 -9.23
N GLU B 102 14.17 -26.62 -10.00
CA GLU B 102 15.08 -25.65 -10.58
C GLU B 102 14.39 -24.85 -11.68
N VAL B 103 14.92 -23.67 -11.98
CA VAL B 103 14.34 -22.83 -13.02
C VAL B 103 14.25 -23.59 -14.35
N ALA B 104 15.27 -24.40 -14.64
CA ALA B 104 15.33 -25.21 -15.85
C ALA B 104 14.16 -26.20 -15.96
N GLU B 105 13.74 -26.75 -14.81
CA GLU B 105 12.57 -27.61 -14.77
C GLU B 105 11.31 -26.82 -15.16
N PHE B 106 11.17 -25.60 -14.63
CA PHE B 106 10.05 -24.75 -15.02
C PHE B 106 10.10 -24.35 -16.50
N VAL B 107 11.30 -24.13 -17.04
CA VAL B 107 11.44 -23.89 -18.49
C VAL B 107 11.00 -25.12 -19.28
N TYR B 108 11.50 -26.29 -18.86
CA TYR B 108 11.16 -27.56 -19.50
C TYR B 108 9.65 -27.84 -19.55
N ILE B 109 8.94 -27.56 -18.47
CA ILE B 109 7.50 -27.88 -18.39
C ILE B 109 6.60 -27.01 -19.25
N THR B 110 7.09 -25.88 -19.74
CA THR B 110 6.37 -25.15 -20.78
C THR B 110 6.60 -25.77 -22.15
N ASP B 111 7.36 -26.87 -22.18
CA ASP B 111 7.84 -27.52 -23.43
C ASP B 111 8.53 -26.54 -24.38
N ASP B 112 9.41 -25.74 -23.80
CA ASP B 112 10.17 -24.71 -24.54
C ASP B 112 9.31 -23.66 -25.24
N THR B 113 8.14 -23.36 -24.66
CA THR B 113 7.36 -22.22 -25.12
C THR B 113 8.12 -20.91 -24.84
N TYR B 114 8.81 -20.87 -23.71
CA TYR B 114 9.47 -19.66 -23.26
C TYR B 114 10.93 -19.95 -22.92
N THR B 115 11.78 -18.94 -22.95
CA THR B 115 13.16 -19.12 -22.50
C THR B 115 13.32 -18.92 -20.99
N LYS B 116 14.43 -19.43 -20.46
CA LYS B 116 14.84 -19.17 -19.07
C LYS B 116 14.90 -17.68 -18.79
N LYS B 117 15.46 -16.92 -19.74
CA LYS B 117 15.53 -15.47 -19.60
C LYS B 117 14.15 -14.84 -19.42
N GLN B 118 13.18 -15.31 -20.21
CA GLN B 118 11.79 -14.83 -20.13
C GLN B 118 11.13 -15.17 -18.79
N VAL B 119 11.36 -16.40 -18.31
CA VAL B 119 10.81 -16.84 -17.02
C VAL B 119 11.39 -16.01 -15.88
N LEU B 120 12.70 -15.76 -15.95
CA LEU B 120 13.38 -15.02 -14.88
C LEU B 120 13.00 -13.54 -14.88
N ARG B 121 12.86 -12.98 -16.08
CA ARG B 121 12.39 -11.60 -16.24
C ARG B 121 10.95 -11.47 -15.73
N MET B 122 10.09 -12.44 -16.07
CA MET B 122 8.73 -12.46 -15.54
C MET B 122 8.71 -12.62 -14.01
N GLU B 123 9.61 -13.42 -13.46
CA GLU B 123 9.69 -13.55 -12.00
C GLU B 123 9.86 -12.17 -11.35
N HIS B 124 10.86 -11.43 -11.83
CA HIS B 124 11.12 -10.06 -11.39
C HIS B 124 9.90 -9.15 -11.55
N LEU B 125 9.23 -9.22 -12.71
CA LEU B 125 8.03 -8.40 -12.94
C LEU B 125 6.92 -8.74 -11.96
N VAL B 126 6.68 -10.04 -11.74
CA VAL B 126 5.66 -10.47 -10.78
C VAL B 126 5.99 -9.95 -9.38
N LEU B 127 7.26 -10.07 -8.97
CA LEU B 127 7.68 -9.52 -7.68
C LEU B 127 7.44 -8.02 -7.58
N LYS B 128 7.79 -7.28 -8.64
CA LYS B 128 7.54 -5.82 -8.68
C LYS B 128 6.06 -5.52 -8.51
N VAL B 129 5.21 -6.20 -9.28
CA VAL B 129 3.78 -5.91 -9.30
C VAL B 129 3.12 -6.25 -7.97
N LEU B 130 3.53 -7.37 -7.37
CA LEU B 130 3.01 -7.75 -6.05
C LEU B 130 3.73 -7.07 -4.87
N THR B 131 4.67 -6.18 -5.20
CA THR B 131 5.59 -5.55 -4.23
C THR B 131 6.15 -6.56 -3.21
N PHE B 132 6.60 -7.70 -3.73
CA PHE B 132 7.19 -8.76 -2.91
C PHE B 132 6.26 -9.29 -1.81
N ASP B 133 4.97 -8.98 -1.87
CA ASP B 133 4.06 -9.42 -0.81
C ASP B 133 3.52 -10.82 -1.12
N LEU B 134 4.30 -11.84 -0.75
CA LEU B 134 4.02 -13.21 -1.17
C LEU B 134 3.40 -14.10 -0.08
N ALA B 135 3.40 -13.64 1.17
CA ALA B 135 2.92 -14.48 2.26
C ALA B 135 1.40 -14.40 2.40
N ALA B 136 0.70 -14.86 1.37
CA ALA B 136 -0.76 -14.66 1.30
C ALA B 136 -1.50 -15.81 1.96
N PRO B 137 -2.55 -15.52 2.70
CA PRO B 137 -3.43 -16.56 3.23
C PRO B 137 -4.11 -17.33 2.09
N THR B 138 -4.22 -18.63 2.25
CA THR B 138 -4.90 -19.47 1.25
C THR B 138 -6.06 -20.22 1.86
N VAL B 139 -6.91 -20.79 1.01
CA VAL B 139 -7.99 -21.67 1.47
C VAL B 139 -7.33 -22.77 2.29
N ASN B 140 -6.21 -23.27 1.79
CA ASN B 140 -5.48 -24.33 2.46
C ASN B 140 -5.07 -23.98 3.91
N GLN B 141 -4.54 -22.78 4.11
CA GLN B 141 -4.15 -22.39 5.46
C GLN B 141 -5.33 -22.32 6.43
N PHE B 142 -6.49 -21.89 5.95
CA PHE B 142 -7.68 -21.92 6.80
C PHE B 142 -8.23 -23.33 7.05
N LEU B 143 -8.24 -24.17 6.02
CA LEU B 143 -8.78 -25.55 6.16
C LEU B 143 -8.06 -26.29 7.25
N THR B 144 -6.75 -26.16 7.20
CA THR B 144 -5.84 -26.83 8.09
C THR B 144 -6.11 -26.47 9.59
N GLN B 145 -6.44 -25.22 9.86
CA GLN B 145 -6.93 -24.81 11.19
C GLN B 145 -8.30 -25.40 11.50
N TYR B 146 -9.21 -25.34 10.54
CA TYR B 146 -10.56 -25.87 10.78
C TYR B 146 -10.55 -27.38 11.09
N PHE B 147 -9.64 -28.12 10.47
CA PHE B 147 -9.51 -29.58 10.72
C PHE B 147 -9.29 -29.92 12.20
N LEU B 148 -8.67 -28.99 12.93
CA LEU B 148 -8.42 -29.18 14.35
C LEU B 148 -9.70 -29.26 15.18
N HIS B 149 -10.82 -28.90 14.57
CA HIS B 149 -12.12 -28.93 15.25
C HIS B 149 -12.94 -30.20 15.00
N GLN B 150 -12.37 -31.16 14.28
CA GLN B 150 -13.04 -32.44 14.06
C GLN B 150 -13.18 -33.23 15.35
N GLN B 151 -14.23 -34.04 15.42
CA GLN B 151 -14.46 -34.91 16.57
C GLN B 151 -15.09 -36.22 16.11
N PRO B 152 -14.27 -37.24 15.83
CA PRO B 152 -12.80 -37.15 15.88
C PRO B 152 -12.22 -36.83 14.49
N ALA B 153 -10.90 -36.85 14.35
CA ALA B 153 -10.25 -36.58 13.07
C ALA B 153 -10.63 -37.65 12.04
N ASN B 154 -11.01 -37.21 10.85
CA ASN B 154 -11.41 -38.10 9.77
C ASN B 154 -10.60 -37.75 8.52
N CYS B 155 -9.88 -38.73 7.99
CA CYS B 155 -8.98 -38.54 6.85
C CYS B 155 -9.73 -38.27 5.55
N LYS B 156 -10.87 -38.93 5.39
CA LYS B 156 -11.71 -38.68 4.22
C LYS B 156 -12.26 -37.24 4.23
N VAL B 157 -12.67 -36.76 5.40
CA VAL B 157 -13.17 -35.38 5.54
C VAL B 157 -12.06 -34.39 5.17
N GLU B 158 -10.87 -34.57 5.75
CA GLU B 158 -9.75 -33.70 5.45
C GLU B 158 -9.45 -33.64 3.96
N SER B 159 -9.16 -34.80 3.36
CA SER B 159 -8.86 -34.85 1.93
C SER B 159 -9.98 -34.31 1.03
N LEU B 160 -11.23 -34.60 1.38
CA LEU B 160 -12.36 -34.15 0.56
C LEU B 160 -12.50 -32.64 0.62
N ALA B 161 -12.32 -32.07 1.80
CA ALA B 161 -12.34 -30.61 1.95
C ALA B 161 -11.24 -29.97 1.10
N MET B 162 -10.05 -30.57 1.12
CA MET B 162 -8.93 -30.09 0.33
C MET B 162 -9.23 -30.14 -1.16
N PHE B 163 -9.85 -31.26 -1.58
CA PHE B 163 -10.29 -31.46 -2.96
C PHE B 163 -11.25 -30.36 -3.39
N LEU B 164 -12.28 -30.11 -2.58
CA LEU B 164 -13.29 -29.09 -2.87
C LEU B 164 -12.71 -27.67 -2.89
N GLY B 165 -11.85 -27.37 -1.93
CA GLY B 165 -11.12 -26.10 -1.93
C GLY B 165 -10.30 -25.92 -3.19
N GLU B 166 -9.75 -27.02 -3.71
CA GLU B 166 -8.93 -26.96 -4.91
C GLU B 166 -9.76 -26.69 -6.17
N LEU B 167 -10.93 -27.34 -6.26
CA LEU B 167 -11.87 -27.07 -7.36
C LEU B 167 -12.23 -25.59 -7.49
N SER B 168 -12.42 -24.91 -6.34
CA SER B 168 -12.70 -23.47 -6.36
C SER B 168 -11.63 -22.65 -7.08
N LEU B 169 -10.38 -23.10 -7.04
CA LEU B 169 -9.28 -22.40 -7.72
C LEU B 169 -9.49 -22.29 -9.24
N ILE B 170 -10.20 -23.27 -9.81
CA ILE B 170 -10.33 -23.37 -11.26
C ILE B 170 -11.22 -22.28 -11.84
N ASP B 171 -12.28 -21.93 -11.13
CA ASP B 171 -13.37 -21.12 -11.67
C ASP B 171 -13.45 -19.73 -11.03
N ALA B 172 -12.81 -18.74 -11.66
CA ALA B 172 -12.77 -17.37 -11.13
C ALA B 172 -14.20 -16.88 -10.91
N ASP B 173 -15.09 -17.23 -11.83
CA ASP B 173 -16.52 -17.01 -11.64
C ASP B 173 -17.08 -18.35 -11.22
N PRO B 174 -17.57 -18.51 -9.98
CA PRO B 174 -17.84 -17.44 -9.02
C PRO B 174 -16.80 -17.20 -7.90
N TYR B 175 -15.74 -18.00 -7.80
CA TYR B 175 -15.01 -18.07 -6.52
C TYR B 175 -14.14 -16.87 -6.17
N LEU B 176 -13.78 -16.06 -7.15
CA LEU B 176 -13.10 -14.80 -6.91
C LEU B 176 -13.86 -13.87 -5.95
N LYS B 177 -15.17 -14.00 -5.83
CA LYS B 177 -15.87 -13.11 -4.90
C LYS B 177 -15.83 -13.57 -3.43
N TYR B 178 -15.38 -14.78 -3.18
CA TYR B 178 -15.34 -15.29 -1.81
C TYR B 178 -13.93 -15.26 -1.21
N LEU B 179 -13.83 -14.94 0.07
CA LEU B 179 -12.53 -14.96 0.76
C LEU B 179 -12.08 -16.41 1.03
N PRO B 180 -10.77 -16.65 1.06
CA PRO B 180 -10.23 -18.00 1.38
C PRO B 180 -10.86 -18.62 2.64
N SER B 181 -11.06 -17.84 3.70
CA SER B 181 -11.66 -18.36 4.93
C SER B 181 -13.11 -18.88 4.76
N VAL B 182 -13.85 -18.25 3.86
CA VAL B 182 -15.24 -18.60 3.54
C VAL B 182 -15.31 -19.85 2.64
N ILE B 183 -14.51 -19.88 1.57
CA ILE B 183 -14.40 -21.08 0.71
C ILE B 183 -14.02 -22.29 1.57
N ALA B 184 -13.04 -22.08 2.45
CA ALA B 184 -12.61 -23.11 3.38
C ALA B 184 -13.75 -23.51 4.30
N GLY B 185 -14.54 -22.54 4.77
CA GLY B 185 -15.67 -22.84 5.62
C GLY B 185 -16.66 -23.73 4.89
N ALA B 186 -17.00 -23.32 3.67
CA ALA B 186 -17.92 -24.09 2.82
C ALA B 186 -17.37 -25.46 2.48
N ALA B 187 -16.10 -25.54 2.12
CA ALA B 187 -15.45 -26.82 1.77
C ALA B 187 -15.44 -27.78 2.94
N PHE B 188 -15.15 -27.26 4.13
CA PHE B 188 -15.10 -28.10 5.32
C PHE B 188 -16.48 -28.64 5.69
N HIS B 189 -17.48 -27.77 5.67
CA HIS B 189 -18.84 -28.22 5.94
C HIS B 189 -19.30 -29.26 4.91
N LEU B 190 -19.13 -28.94 3.62
CA LEU B 190 -19.55 -29.83 2.55
C LEU B 190 -18.88 -31.21 2.67
N ALA B 191 -17.57 -31.22 2.93
CA ALA B 191 -16.82 -32.45 3.17
C ALA B 191 -17.33 -33.25 4.37
N LEU B 192 -17.47 -32.57 5.50
CA LEU B 192 -17.94 -33.17 6.73
C LEU B 192 -19.34 -33.79 6.55
N TYR B 193 -20.20 -33.06 5.85
CA TYR B 193 -21.56 -33.51 5.54
C TYR B 193 -21.58 -34.72 4.61
N THR B 194 -20.81 -34.65 3.52
CA THR B 194 -20.69 -35.76 2.58
C THR B 194 -20.28 -37.06 3.27
N VAL B 195 -19.23 -36.98 4.09
CA VAL B 195 -18.64 -38.18 4.68
C VAL B 195 -19.41 -38.71 5.91
N THR B 196 -19.73 -37.82 6.86
CA THR B 196 -20.22 -38.25 8.17
C THR B 196 -21.65 -37.84 8.47
N GLY B 197 -22.24 -37.02 7.61
CA GLY B 197 -23.55 -36.45 7.89
C GLY B 197 -23.55 -35.31 8.89
N GLN B 198 -22.39 -34.98 9.47
CA GLN B 198 -22.27 -33.88 10.45
C GLN B 198 -22.24 -32.50 9.76
N SER B 199 -22.33 -31.44 10.56
CA SER B 199 -22.43 -30.07 10.04
C SER B 199 -21.38 -29.17 10.66
N TRP B 200 -21.06 -28.08 9.97
CA TRP B 200 -20.25 -26.97 10.51
C TRP B 200 -20.40 -26.89 12.03
N PRO B 201 -19.34 -27.22 12.75
CA PRO B 201 -19.42 -27.31 14.22
C PRO B 201 -19.52 -25.97 14.94
N GLU B 202 -20.17 -26.02 16.09
CA GLU B 202 -20.36 -24.86 16.96
C GLU B 202 -19.03 -24.22 17.38
N SER B 203 -18.01 -25.04 17.60
CA SER B 203 -16.68 -24.52 17.94
C SER B 203 -16.08 -23.64 16.82
N LEU B 204 -16.44 -23.91 15.56
CA LEU B 204 -15.99 -23.08 14.44
C LEU B 204 -16.85 -21.82 14.26
N ILE B 205 -18.09 -21.86 14.74
CA ILE B 205 -18.87 -20.63 14.78
C ILE B 205 -18.18 -19.66 15.73
N ARG B 206 -17.76 -20.17 16.88
CA ARG B 206 -17.08 -19.35 17.88
C ARG B 206 -15.74 -18.83 17.35
N LYS B 207 -14.97 -19.70 16.68
CA LYS B 207 -13.67 -19.28 16.13
C LYS B 207 -13.77 -18.23 15.03
N THR B 208 -14.67 -18.46 14.07
CA THR B 208 -14.68 -17.69 12.83
C THR B 208 -15.75 -16.62 12.75
N GLY B 209 -16.81 -16.78 13.54
CA GLY B 209 -17.99 -15.94 13.44
C GLY B 209 -18.91 -16.32 12.29
N TYR B 210 -18.52 -17.35 11.53
CA TYR B 210 -19.32 -17.79 10.39
C TYR B 210 -20.34 -18.84 10.85
N THR B 211 -21.55 -18.76 10.27
CA THR B 211 -22.59 -19.77 10.47
C THR B 211 -22.90 -20.38 9.12
N LEU B 212 -23.72 -21.43 9.13
CA LEU B 212 -24.26 -22.00 7.90
C LEU B 212 -24.97 -20.94 7.05
N GLU B 213 -25.64 -19.98 7.71
CA GLU B 213 -26.30 -18.89 6.98
C GLU B 213 -25.31 -18.01 6.22
N SER B 214 -24.23 -17.61 6.88
CA SER B 214 -23.25 -16.77 6.21
C SER B 214 -22.44 -17.53 5.14
N LEU B 215 -22.26 -18.83 5.36
CA LEU B 215 -21.59 -19.69 4.37
C LEU B 215 -22.52 -20.12 3.22
N LYS B 216 -23.83 -19.95 3.39
CA LYS B 216 -24.80 -20.48 2.42
C LYS B 216 -24.49 -20.11 0.95
N PRO B 217 -24.29 -18.83 0.61
CA PRO B 217 -23.99 -18.49 -0.79
C PRO B 217 -22.79 -19.25 -1.36
N CYS B 218 -21.69 -19.29 -0.63
CA CYS B 218 -20.52 -20.04 -1.08
C CYS B 218 -20.82 -21.53 -1.18
N LEU B 219 -21.54 -22.03 -0.19
CA LEU B 219 -21.93 -23.44 -0.10
C LEU B 219 -22.75 -23.86 -1.32
N MET B 220 -23.74 -23.05 -1.70
CA MET B 220 -24.59 -23.37 -2.84
C MET B 220 -23.78 -23.43 -4.12
N ASP B 221 -22.81 -22.53 -4.26
CA ASP B 221 -21.92 -22.55 -5.41
C ASP B 221 -21.05 -23.78 -5.38
N LEU B 222 -20.47 -24.08 -4.21
CA LEU B 222 -19.54 -25.19 -4.11
C LEU B 222 -20.22 -26.55 -4.32
N HIS B 223 -21.43 -26.69 -3.78
CA HIS B 223 -22.28 -27.86 -3.98
C HIS B 223 -22.51 -28.14 -5.47
N GLN B 224 -22.88 -27.10 -6.21
CA GLN B 224 -23.04 -27.17 -7.67
C GLN B 224 -21.75 -27.56 -8.39
N THR B 225 -20.64 -26.95 -8.00
CA THR B 225 -19.34 -27.31 -8.54
C THR B 225 -19.04 -28.79 -8.29
N TYR B 226 -19.32 -29.22 -7.07
CA TYR B 226 -19.11 -30.60 -6.64
C TYR B 226 -19.95 -31.57 -7.49
N LEU B 227 -21.24 -31.29 -7.63
CA LEU B 227 -22.16 -32.12 -8.42
C LEU B 227 -21.75 -32.19 -9.88
N LYS B 228 -21.28 -31.07 -10.42
CA LYS B 228 -20.91 -30.97 -11.83
C LYS B 228 -19.46 -31.33 -12.14
N ALA B 229 -18.67 -31.61 -11.10
CA ALA B 229 -17.24 -31.90 -11.26
C ALA B 229 -16.88 -32.90 -12.38
N PRO B 230 -17.55 -34.06 -12.44
CA PRO B 230 -17.23 -35.04 -13.49
C PRO B 230 -17.39 -34.53 -14.93
N GLN B 231 -18.18 -33.48 -15.13
CA GLN B 231 -18.46 -32.93 -16.47
C GLN B 231 -17.64 -31.68 -16.82
N HIS B 232 -16.85 -31.20 -15.86
CA HIS B 232 -16.08 -29.98 -16.07
C HIS B 232 -15.00 -30.20 -17.13
N ALA B 233 -14.83 -29.23 -18.01
CA ALA B 233 -13.76 -29.29 -19.02
C ALA B 233 -12.37 -29.58 -18.43
N GLN B 234 -12.15 -29.15 -17.18
CA GLN B 234 -10.89 -29.39 -16.49
C GLN B 234 -11.04 -30.52 -15.46
N GLN B 235 -10.17 -31.52 -15.56
CA GLN B 235 -10.31 -32.76 -14.78
C GLN B 235 -9.07 -33.10 -13.94
N SER B 236 -8.03 -32.26 -13.98
CA SER B 236 -6.77 -32.64 -13.34
C SER B 236 -6.88 -32.82 -11.82
N ILE B 237 -7.74 -32.03 -11.17
CA ILE B 237 -7.94 -32.14 -9.71
C ILE B 237 -8.66 -33.43 -9.34
N ARG B 238 -9.74 -33.75 -10.07
CA ARG B 238 -10.44 -35.02 -9.89
C ARG B 238 -9.51 -36.20 -10.04
N GLU B 239 -8.65 -36.18 -11.07
CA GLU B 239 -7.68 -37.25 -11.32
C GLU B 239 -6.67 -37.36 -10.18
N LYS B 240 -6.12 -36.22 -9.78
CA LYS B 240 -5.20 -36.14 -8.64
C LYS B 240 -5.81 -36.72 -7.36
N TYR B 241 -7.06 -36.37 -7.06
CA TYR B 241 -7.68 -36.82 -5.81
C TYR B 241 -8.23 -38.27 -5.84
N LYS B 242 -7.97 -38.97 -6.94
CA LYS B 242 -8.19 -40.42 -7.01
C LYS B 242 -7.08 -41.18 -6.25
N ASN B 243 -5.94 -40.52 -6.09
CA ASN B 243 -4.77 -41.11 -5.47
C ASN B 243 -4.98 -41.45 -3.99
N SER B 244 -4.37 -42.55 -3.55
CA SER B 244 -4.46 -43.01 -2.17
C SER B 244 -3.93 -41.97 -1.18
N LYS B 245 -3.01 -41.12 -1.65
CA LYS B 245 -2.47 -40.06 -0.81
C LYS B 245 -3.58 -39.18 -0.29
N TYR B 246 -4.60 -38.98 -1.12
CA TYR B 246 -5.78 -38.20 -0.77
C TYR B 246 -6.99 -39.12 -0.57
N HIS B 247 -6.70 -40.37 -0.19
CA HIS B 247 -7.72 -41.37 0.15
C HIS B 247 -8.83 -41.53 -0.88
N GLY B 248 -8.49 -41.32 -2.16
CA GLY B 248 -9.42 -41.46 -3.26
C GLY B 248 -10.75 -40.69 -3.16
N VAL B 249 -10.72 -39.53 -2.50
CA VAL B 249 -11.97 -38.80 -2.22
C VAL B 249 -12.77 -38.34 -3.41
N SER B 250 -12.14 -38.14 -4.57
CA SER B 250 -12.90 -37.71 -5.73
C SER B 250 -13.86 -38.80 -6.23
N LEU B 251 -13.72 -40.01 -5.69
CA LEU B 251 -14.65 -41.08 -6.08
C LEU B 251 -15.90 -41.11 -5.20
N LEU B 252 -15.89 -40.34 -4.11
CA LEU B 252 -17.07 -40.22 -3.25
C LEU B 252 -18.20 -39.54 -4.01
N ASN B 253 -19.43 -39.98 -3.78
CA ASN B 253 -20.60 -39.36 -4.39
C ASN B 253 -20.99 -38.11 -3.63
N PRO B 254 -21.17 -37.01 -4.34
CA PRO B 254 -21.66 -35.76 -3.73
C PRO B 254 -23.09 -35.94 -3.24
N PRO B 255 -23.45 -35.28 -2.14
CA PRO B 255 -24.81 -35.36 -1.62
C PRO B 255 -25.74 -34.70 -2.64
N GLU B 256 -26.93 -35.26 -2.81
CA GLU B 256 -27.88 -34.69 -3.76
C GLU B 256 -28.44 -33.36 -3.26
N THR B 257 -28.66 -33.29 -1.95
CA THR B 257 -29.16 -32.08 -1.29
C THR B 257 -28.36 -31.76 -0.02
N LEU B 258 -28.43 -30.51 0.42
CA LEU B 258 -27.72 -30.08 1.63
C LEU B 258 -28.64 -29.86 2.81
N ASN B 259 -29.92 -29.61 2.53
CA ASN B 259 -30.91 -29.28 3.56
C ASN B 259 -30.43 -28.17 4.51
N LEU B 260 -30.25 -26.97 3.96
CA LEU B 260 -29.90 -25.81 4.76
C LEU B 260 -31.12 -24.90 4.91
N SER C 4 14.95 0.03 -15.65
CA SER C 4 13.64 0.70 -15.45
C SER C 4 12.69 0.47 -16.62
N MET C 5 13.18 0.78 -17.82
CA MET C 5 12.37 0.75 -19.04
C MET C 5 12.70 -0.47 -19.91
N GLU C 6 13.53 -1.36 -19.38
CA GLU C 6 14.02 -2.52 -20.14
C GLU C 6 12.89 -3.37 -20.73
N ASN C 7 11.78 -3.48 -20.00
CA ASN C 7 10.64 -4.29 -20.42
C ASN C 7 9.76 -3.66 -21.50
N PHE C 8 10.07 -2.42 -21.89
CA PHE C 8 9.26 -1.72 -22.89
C PHE C 8 10.00 -1.53 -24.20
N GLN C 9 9.36 -1.93 -25.29
CA GLN C 9 9.90 -1.70 -26.62
C GLN C 9 9.11 -0.58 -27.27
N LYS C 10 9.81 0.48 -27.69
CA LYS C 10 9.19 1.58 -28.41
C LYS C 10 8.74 1.10 -29.78
N VAL C 11 7.52 1.49 -30.15
CA VAL C 11 6.91 1.11 -31.42
C VAL C 11 6.93 2.32 -32.36
N GLU C 12 6.37 3.43 -31.89
CA GLU C 12 6.34 4.68 -32.66
C GLU C 12 5.99 5.87 -31.75
N LYS C 13 6.40 7.06 -32.16
CA LYS C 13 5.96 8.28 -31.49
C LYS C 13 4.53 8.55 -31.93
N ILE C 14 3.67 8.90 -30.98
CA ILE C 14 2.30 9.27 -31.28
C ILE C 14 2.17 10.79 -31.43
N GLY C 15 2.76 11.53 -30.51
CA GLY C 15 2.69 12.99 -30.57
C GLY C 15 3.15 13.70 -29.31
N GLU C 16 2.98 15.01 -29.29
CA GLU C 16 3.38 15.87 -28.18
C GLU C 16 2.18 16.69 -27.73
N GLY C 17 1.79 16.49 -26.48
CA GLY C 17 0.64 17.17 -25.89
C GLY C 17 1.06 18.44 -25.17
N THR C 18 0.43 18.70 -24.03
CA THR C 18 0.74 19.90 -23.24
C THR C 18 2.19 19.91 -22.81
N TYR C 19 2.71 18.74 -22.45
CA TYR C 19 4.11 18.62 -22.09
C TYR C 19 4.57 17.20 -22.41
N GLY C 20 5.88 17.02 -22.49
CA GLY C 20 6.47 15.71 -22.78
C GLY C 20 6.13 15.17 -24.15
N VAL C 21 6.40 13.88 -24.36
CA VAL C 21 6.16 13.21 -25.64
C VAL C 21 5.50 11.84 -25.39
N VAL C 22 4.53 11.49 -26.23
CA VAL C 22 3.83 10.21 -26.07
C VAL C 22 4.22 9.22 -27.18
N TYR C 23 4.65 8.03 -26.77
CA TYR C 23 5.02 6.95 -27.68
C TYR C 23 4.09 5.76 -27.51
N LYS C 24 3.89 5.03 -28.60
CA LYS C 24 3.32 3.70 -28.54
C LYS C 24 4.46 2.76 -28.20
N ALA C 25 4.21 1.89 -27.23
CA ALA C 25 5.21 0.93 -26.79
C ALA C 25 4.52 -0.38 -26.39
N ARG C 26 5.29 -1.46 -26.37
CA ARG C 26 4.75 -2.75 -25.96
C ARG C 26 5.53 -3.35 -24.79
N ASN C 27 4.78 -3.80 -23.79
CA ASN C 27 5.35 -4.55 -22.69
C ASN C 27 5.80 -5.87 -23.26
N LYS C 28 7.12 -6.09 -23.25
CA LYS C 28 7.72 -7.31 -23.79
C LYS C 28 7.28 -8.60 -23.08
N LEU C 29 6.97 -8.48 -21.79
CA LEU C 29 6.67 -9.67 -20.99
C LEU C 29 5.21 -10.07 -21.03
N THR C 30 4.31 -9.09 -21.00
CA THR C 30 2.89 -9.37 -20.97
C THR C 30 2.22 -9.23 -22.34
N GLY C 31 2.90 -8.59 -23.28
CA GLY C 31 2.33 -8.28 -24.60
C GLY C 31 1.49 -7.02 -24.65
N GLU C 32 1.23 -6.40 -23.50
CA GLU C 32 0.34 -5.24 -23.44
C GLU C 32 0.95 -4.08 -24.22
N VAL C 33 0.14 -3.47 -25.07
CA VAL C 33 0.50 -2.25 -25.79
C VAL C 33 0.06 -1.07 -24.93
N VAL C 34 0.96 -0.11 -24.73
CA VAL C 34 0.67 1.04 -23.85
C VAL C 34 1.02 2.35 -24.55
N ALA C 35 0.57 3.47 -23.97
CA ALA C 35 1.12 4.77 -24.36
C ALA C 35 2.10 5.19 -23.27
N LEU C 36 3.31 5.56 -23.68
CA LEU C 36 4.34 6.02 -22.74
C LEU C 36 4.56 7.49 -22.92
N LYS C 37 4.29 8.26 -21.86
CA LYS C 37 4.60 9.69 -21.84
C LYS C 37 5.94 9.94 -21.17
N LYS C 38 6.92 10.40 -21.95
CA LYS C 38 8.25 10.67 -21.44
C LYS C 38 8.35 12.14 -21.07
N ILE C 39 8.87 12.40 -19.87
CA ILE C 39 8.95 13.73 -19.28
C ILE C 39 10.38 14.04 -18.83
N ARG C 40 10.96 15.09 -19.39
CA ARG C 40 12.30 15.54 -18.98
C ARG C 40 12.24 16.17 -17.61
N LEU C 41 13.18 15.80 -16.76
CA LEU C 41 13.26 16.44 -15.44
C LEU C 41 14.35 17.49 -15.45
N ASP C 42 13.99 18.71 -15.09
CA ASP C 42 14.91 19.83 -15.10
C ASP C 42 15.77 19.78 -13.84
N THR C 43 16.64 18.78 -13.79
CA THR C 43 17.60 18.64 -12.73
C THR C 43 18.56 19.85 -12.94
N GLU C 44 19.18 20.33 -11.88
CA GLU C 44 19.97 21.58 -11.90
C GLU C 44 19.10 22.81 -12.10
N THR C 45 17.86 22.61 -12.54
CA THR C 45 16.98 23.65 -13.04
C THR C 45 15.74 23.94 -12.17
N GLU C 46 14.57 23.58 -12.69
CA GLU C 46 13.31 23.84 -12.01
C GLU C 46 12.63 22.55 -11.50
N GLY C 47 13.27 21.40 -11.71
CA GLY C 47 12.82 20.12 -11.16
C GLY C 47 11.63 19.53 -11.90
N VAL C 48 10.74 18.85 -11.17
CA VAL C 48 9.59 18.21 -11.81
C VAL C 48 8.59 19.30 -12.23
N PRO C 49 8.19 19.31 -13.51
CA PRO C 49 7.21 20.30 -13.99
C PRO C 49 5.89 20.21 -13.25
N SER C 50 5.30 21.36 -12.96
CA SER C 50 4.02 21.41 -12.25
C SER C 50 2.92 20.67 -13.02
N THR C 51 2.97 20.73 -14.35
CA THR C 51 2.02 19.98 -15.19
C THR C 51 2.07 18.49 -14.89
N ALA C 52 3.27 17.95 -14.72
CA ALA C 52 3.42 16.52 -14.40
C ALA C 52 2.90 16.24 -13.01
N ILE C 53 3.21 17.12 -12.06
CA ILE C 53 2.74 16.99 -10.70
C ILE C 53 1.21 16.95 -10.64
N ARG C 54 0.56 17.85 -11.37
CA ARG C 54 -0.90 17.92 -11.40
C ARG C 54 -1.51 16.71 -12.13
N GLU C 55 -0.98 16.37 -13.30
CA GLU C 55 -1.57 15.28 -14.07
C GLU C 55 -1.48 13.94 -13.34
N ILE C 56 -0.31 13.63 -12.79
CA ILE C 56 -0.13 12.37 -12.08
C ILE C 56 -0.99 12.32 -10.82
N SER C 57 -0.85 13.32 -9.96
CA SER C 57 -1.62 13.32 -8.71
C SER C 57 -3.13 13.18 -8.97
N LEU C 58 -3.62 13.87 -9.99
CA LEU C 58 -5.06 13.87 -10.25
C LEU C 58 -5.55 12.64 -11.00
N LEU C 59 -4.75 12.15 -11.96
CA LEU C 59 -5.11 10.93 -12.66
C LEU C 59 -5.16 9.73 -11.71
N LYS C 60 -4.28 9.74 -10.69
CA LYS C 60 -4.22 8.67 -9.70
C LYS C 60 -5.51 8.55 -8.91
N GLU C 61 -6.22 9.67 -8.77
CA GLU C 61 -7.50 9.70 -8.09
C GLU C 61 -8.65 9.30 -9.00
N LEU C 62 -8.55 9.67 -10.28
CA LEU C 62 -9.67 9.58 -11.20
C LEU C 62 -9.77 8.24 -11.93
N ASN C 63 -10.34 7.25 -11.26
CA ASN C 63 -10.59 5.94 -11.86
C ASN C 63 -12.01 5.86 -12.41
N HIS C 64 -12.12 5.93 -13.73
CA HIS C 64 -13.42 5.92 -14.41
C HIS C 64 -13.21 5.39 -15.82
N PRO C 65 -14.16 4.60 -16.35
CA PRO C 65 -14.03 4.03 -17.69
C PRO C 65 -13.85 5.06 -18.82
N ASN C 66 -14.21 6.32 -18.59
CA ASN C 66 -14.12 7.35 -19.62
C ASN C 66 -13.04 8.38 -19.33
N ILE C 67 -12.11 7.99 -18.45
CA ILE C 67 -10.90 8.76 -18.18
C ILE C 67 -9.73 7.83 -18.44
N VAL C 68 -8.78 8.27 -19.27
CA VAL C 68 -7.62 7.46 -19.59
C VAL C 68 -6.91 6.95 -18.31
N LYS C 69 -6.56 5.66 -18.32
CA LYS C 69 -6.01 5.01 -17.14
C LYS C 69 -4.51 5.19 -17.09
N LEU C 70 -4.02 5.79 -16.00
CA LEU C 70 -2.59 5.80 -15.72
C LEU C 70 -2.21 4.50 -15.01
N LEU C 71 -1.31 3.74 -15.62
CA LEU C 71 -0.96 2.39 -15.16
C LEU C 71 0.24 2.37 -14.23
N ASP C 72 1.24 3.19 -14.53
CA ASP C 72 2.48 3.19 -13.77
C ASP C 72 3.21 4.53 -13.94
N VAL C 73 4.06 4.84 -12.95
CA VAL C 73 4.96 5.97 -13.04
C VAL C 73 6.35 5.41 -12.80
N ILE C 74 7.21 5.51 -13.81
CA ILE C 74 8.55 4.95 -13.72
C ILE C 74 9.53 6.09 -13.52
N HIS C 75 10.27 6.01 -12.42
CA HIS C 75 11.14 7.08 -11.94
C HIS C 75 12.59 6.81 -12.30
N THR C 76 13.24 7.81 -12.87
CA THR C 76 14.70 7.83 -12.95
C THR C 76 15.16 9.21 -12.46
N GLU C 77 16.46 9.33 -12.22
CA GLU C 77 17.07 10.60 -11.84
C GLU C 77 16.68 11.72 -12.80
N ASN C 78 16.70 11.43 -14.10
CA ASN C 78 16.58 12.44 -15.16
C ASN C 78 15.26 12.48 -15.95
N LYS C 79 14.45 11.44 -15.81
CA LYS C 79 13.23 11.29 -16.62
C LYS C 79 12.13 10.61 -15.84
N LEU C 80 10.91 11.08 -16.06
CA LEU C 80 9.69 10.41 -15.58
C LEU C 80 9.02 9.78 -16.80
N TYR C 81 8.57 8.53 -16.65
CA TYR C 81 7.77 7.88 -17.69
C TYR C 81 6.40 7.52 -17.15
N LEU C 82 5.37 8.03 -17.78
CA LEU C 82 4.01 7.68 -17.41
C LEU C 82 3.55 6.57 -18.36
N VAL C 83 3.15 5.45 -17.77
CA VAL C 83 2.60 4.33 -18.53
C VAL C 83 1.08 4.43 -18.50
N PHE C 84 0.49 4.64 -19.68
CA PHE C 84 -0.94 4.73 -19.86
C PHE C 84 -1.46 3.55 -20.68
N GLU C 85 -2.74 3.21 -20.49
CA GLU C 85 -3.43 2.35 -21.43
C GLU C 85 -3.35 2.97 -22.84
N PHE C 86 -3.14 2.15 -23.86
CA PHE C 86 -3.12 2.61 -25.24
C PHE C 86 -4.54 2.65 -25.82
N LEU C 87 -4.90 3.77 -26.44
CA LEU C 87 -6.13 3.83 -27.21
C LEU C 87 -5.77 3.95 -28.69
N HIS C 88 -6.64 3.46 -29.57
CA HIS C 88 -6.31 3.27 -30.98
C HIS C 88 -6.18 4.55 -31.80
N GLN C 89 -6.93 5.59 -31.43
CA GLN C 89 -6.89 6.87 -32.15
C GLN C 89 -7.53 8.01 -31.35
N ASP C 90 -7.35 9.25 -31.83
CA ASP C 90 -8.01 10.40 -31.22
C ASP C 90 -9.21 10.85 -32.07
N LEU C 91 -10.13 11.58 -31.44
CA LEU C 91 -11.37 11.99 -32.07
C LEU C 91 -11.16 12.95 -33.24
N LYS C 92 -10.12 13.78 -33.17
CA LYS C 92 -9.81 14.69 -34.29
C LYS C 92 -9.47 13.92 -35.57
N LYS C 93 -8.62 12.90 -35.47
CA LYS C 93 -8.26 12.13 -36.65
C LYS C 93 -9.44 11.28 -37.15
N PHE C 94 -10.29 10.84 -36.23
CA PHE C 94 -11.52 10.13 -36.59
C PHE C 94 -12.50 11.04 -37.35
N MET C 95 -12.68 12.26 -36.85
CA MET C 95 -13.54 13.24 -37.53
C MET C 95 -13.02 13.55 -38.95
N ASP C 96 -11.70 13.68 -39.08
CA ASP C 96 -11.04 13.90 -40.37
C ASP C 96 -11.25 12.72 -41.32
N ALA C 97 -11.05 11.50 -40.83
CA ALA C 97 -11.34 10.29 -41.62
C ALA C 97 -12.83 10.17 -42.00
N SER C 98 -13.70 10.82 -41.24
CA SER C 98 -15.13 10.79 -41.47
C SER C 98 -15.63 12.07 -42.16
N ALA C 99 -14.69 12.84 -42.72
CA ALA C 99 -15.02 14.12 -43.35
C ALA C 99 -16.12 13.99 -44.41
N LEU C 100 -16.02 12.96 -45.24
CA LEU C 100 -16.99 12.74 -46.33
C LEU C 100 -18.19 11.89 -45.92
N THR C 101 -17.92 10.77 -45.26
CA THR C 101 -18.97 9.81 -44.88
C THR C 101 -19.89 10.34 -43.80
N GLY C 102 -19.35 11.16 -42.90
CA GLY C 102 -20.08 11.55 -41.70
C GLY C 102 -19.96 10.50 -40.60
N ILE C 103 -20.51 10.83 -39.44
CA ILE C 103 -20.48 9.95 -38.26
C ILE C 103 -21.92 9.67 -37.86
N PRO C 104 -22.29 8.38 -37.79
CA PRO C 104 -23.68 8.02 -37.47
C PRO C 104 -24.09 8.68 -36.17
N LEU C 105 -25.31 9.20 -36.10
CA LEU C 105 -25.82 9.85 -34.90
C LEU C 105 -25.73 9.01 -33.61
N PRO C 106 -26.03 7.71 -33.67
CA PRO C 106 -25.93 6.85 -32.48
C PRO C 106 -24.53 6.86 -31.88
N LEU C 107 -23.50 6.93 -32.74
CA LEU C 107 -22.13 7.03 -32.28
C LEU C 107 -21.84 8.40 -31.67
N ILE C 108 -22.38 9.45 -32.30
CA ILE C 108 -22.22 10.81 -31.77
C ILE C 108 -22.88 10.91 -30.40
N LYS C 109 -24.07 10.31 -30.27
CA LYS C 109 -24.82 10.32 -29.02
C LYS C 109 -24.06 9.57 -27.93
N SER C 110 -23.57 8.38 -28.26
CA SER C 110 -22.81 7.57 -27.33
C SER C 110 -21.55 8.31 -26.88
N TYR C 111 -20.77 8.79 -27.85
CA TYR C 111 -19.56 9.54 -27.57
C TYR C 111 -19.83 10.69 -26.61
N LEU C 112 -20.86 11.47 -26.90
CA LEU C 112 -21.21 12.59 -26.03
C LEU C 112 -21.64 12.13 -24.64
N PHE C 113 -22.44 11.06 -24.59
CA PHE C 113 -22.88 10.48 -23.30
C PHE C 113 -21.67 10.13 -22.43
N GLN C 114 -20.71 9.43 -23.02
CA GLN C 114 -19.53 8.96 -22.31
C GLN C 114 -18.61 10.09 -21.87
N LEU C 115 -18.49 11.11 -22.73
CA LEU C 115 -17.66 12.27 -22.42
C LEU C 115 -18.22 13.01 -21.22
N LEU C 116 -19.55 13.10 -21.13
CA LEU C 116 -20.20 13.75 -20.01
C LEU C 116 -20.09 12.92 -18.73
N GLN C 117 -20.03 11.60 -18.87
CA GLN C 117 -19.81 10.71 -17.73
C GLN C 117 -18.39 10.89 -17.17
N GLY C 118 -17.39 10.89 -18.05
CA GLY C 118 -16.02 11.18 -17.66
C GLY C 118 -15.91 12.54 -16.99
N LEU C 119 -16.52 13.56 -17.60
CA LEU C 119 -16.46 14.92 -17.08
C LEU C 119 -17.20 15.11 -15.75
N ALA C 120 -18.40 14.54 -15.63
CA ALA C 120 -19.17 14.64 -14.39
C ALA C 120 -18.34 14.05 -13.26
N PHE C 121 -17.66 12.96 -13.56
CA PHE C 121 -16.76 12.33 -12.62
C PHE C 121 -15.58 13.23 -12.22
N CYS C 122 -14.94 13.87 -13.20
CA CYS C 122 -13.88 14.85 -12.91
C CYS C 122 -14.40 15.92 -11.97
N HIS C 123 -15.56 16.47 -12.33
CA HIS C 123 -16.12 17.62 -11.64
C HIS C 123 -16.60 17.29 -10.23
N SER C 124 -17.17 16.10 -10.05
CA SER C 124 -17.64 15.67 -8.75
C SER C 124 -16.45 15.32 -7.86
N HIS C 125 -15.27 15.31 -8.48
CA HIS C 125 -14.02 15.04 -7.77
C HIS C 125 -13.12 16.26 -7.75
N ARG C 126 -13.73 17.43 -7.87
CA ARG C 126 -13.08 18.75 -7.86
C ARG C 126 -11.88 18.86 -8.82
N VAL C 127 -12.03 18.28 -10.02
CA VAL C 127 -11.04 18.45 -11.09
C VAL C 127 -11.63 19.17 -12.29
N LEU C 128 -10.97 20.25 -12.71
CA LEU C 128 -11.25 20.92 -13.98
C LEU C 128 -10.27 20.35 -15.00
N HIS C 129 -10.76 19.98 -16.19
CA HIS C 129 -9.88 19.49 -17.25
C HIS C 129 -9.13 20.64 -17.95
N ARG C 130 -9.90 21.61 -18.47
CA ARG C 130 -9.40 22.87 -19.07
C ARG C 130 -8.70 22.76 -20.42
N ASP C 131 -8.80 21.59 -21.04
CA ASP C 131 -8.19 21.40 -22.36
C ASP C 131 -8.92 20.38 -23.20
N LEU C 132 -10.26 20.39 -23.11
CA LEU C 132 -11.08 19.49 -23.89
C LEU C 132 -11.12 19.95 -25.36
N LYS C 133 -10.58 19.10 -26.22
CA LYS C 133 -10.49 19.33 -27.66
C LYS C 133 -10.38 17.95 -28.27
N PRO C 134 -10.77 17.78 -29.54
CA PRO C 134 -10.87 16.44 -30.13
C PRO C 134 -9.54 15.66 -30.11
N GLN C 135 -8.43 16.39 -30.18
CA GLN C 135 -7.09 15.83 -30.12
C GLN C 135 -6.80 15.13 -28.77
N ASN C 136 -7.49 15.58 -27.71
CA ASN C 136 -7.28 15.04 -26.36
C ASN C 136 -8.30 13.98 -25.96
N LEU C 137 -9.13 13.57 -26.91
CA LEU C 137 -10.21 12.63 -26.63
C LEU C 137 -9.96 11.38 -27.43
N LEU C 138 -9.78 10.27 -26.73
CA LEU C 138 -9.27 9.07 -27.35
C LEU C 138 -10.33 7.99 -27.46
N ILE C 139 -10.29 7.28 -28.59
CA ILE C 139 -11.31 6.28 -28.89
C ILE C 139 -10.67 4.92 -29.12
N ASN C 140 -11.42 3.86 -28.82
CA ASN C 140 -10.97 2.51 -29.12
C ASN C 140 -11.89 1.83 -30.14
N THR C 141 -11.53 0.61 -30.55
CA THR C 141 -12.27 -0.13 -31.59
C THR C 141 -13.64 -0.61 -31.14
N GLU C 142 -13.86 -0.64 -29.83
CA GLU C 142 -15.10 -1.17 -29.29
C GLU C 142 -16.13 -0.13 -28.85
N GLY C 143 -15.89 1.14 -29.19
CA GLY C 143 -16.90 2.17 -28.98
C GLY C 143 -16.78 3.07 -27.77
N ALA C 144 -15.72 2.88 -26.99
CA ALA C 144 -15.46 3.76 -25.86
C ALA C 144 -14.70 5.00 -26.32
N ILE C 145 -14.93 6.12 -25.63
CA ILE C 145 -14.12 7.33 -25.77
C ILE C 145 -13.73 7.80 -24.38
N LYS C 146 -12.52 8.35 -24.26
CA LYS C 146 -11.98 8.73 -22.96
C LYS C 146 -11.30 10.09 -22.97
N LEU C 147 -11.44 10.82 -21.87
CA LEU C 147 -10.72 12.06 -21.63
C LEU C 147 -9.24 11.77 -21.46
N ALA C 148 -8.40 12.54 -22.16
CA ALA C 148 -6.95 12.43 -21.99
C ALA C 148 -6.23 13.79 -21.90
N ASP C 149 -4.91 13.71 -21.82
CA ASP C 149 -4.04 14.86 -21.58
C ASP C 149 -4.53 15.78 -20.48
N PHE C 150 -4.31 15.33 -19.25
CA PHE C 150 -4.65 16.08 -18.05
C PHE C 150 -3.53 17.05 -17.64
N GLY C 151 -2.64 17.38 -18.56
CA GLY C 151 -1.53 18.28 -18.26
C GLY C 151 -1.95 19.70 -17.88
N LEU C 152 -3.11 20.11 -18.34
CA LEU C 152 -3.62 21.45 -18.02
C LEU C 152 -4.70 21.44 -16.93
N ALA C 153 -4.92 20.27 -16.33
CA ALA C 153 -5.96 20.13 -15.32
C ALA C 153 -5.56 20.77 -14.00
N ARG C 154 -6.55 21.08 -13.17
CA ARG C 154 -6.25 21.41 -11.78
C ARG C 154 -7.37 21.04 -10.83
N ALA C 155 -7.00 20.86 -9.57
CA ALA C 155 -7.95 20.59 -8.50
C ALA C 155 -8.51 21.95 -8.08
N PHE C 156 -9.83 22.09 -8.11
CA PHE C 156 -10.46 23.34 -7.72
C PHE C 156 -11.09 23.25 -6.34
N GLY C 157 -11.44 24.41 -5.78
CA GLY C 157 -12.02 24.49 -4.45
C GLY C 157 -13.44 25.00 -4.54
N VAL C 158 -14.14 24.96 -3.42
CA VAL C 158 -15.51 25.47 -3.33
C VAL C 158 -15.58 26.55 -2.25
N PRO C 159 -15.90 27.80 -2.63
CA PRO C 159 -16.07 28.19 -4.04
C PRO C 159 -14.69 28.34 -4.69
N VAL C 160 -14.65 28.53 -6.00
CA VAL C 160 -13.38 28.71 -6.71
C VAL C 160 -12.76 30.06 -6.36
N ARG C 161 -11.44 30.16 -6.47
CA ARG C 161 -10.81 31.48 -6.60
C ARG C 161 -10.29 31.62 -8.03
N THR C 162 -9.61 32.73 -8.31
CA THR C 162 -9.07 32.98 -9.64
C THR C 162 -8.01 31.92 -9.96
N TYR C 163 -8.10 31.33 -11.14
CA TYR C 163 -7.09 30.38 -11.62
C TYR C 163 -6.39 30.93 -12.87
N TPO C 164 -5.48 30.14 -13.44
CA TPO C 164 -4.74 30.52 -14.64
CB TPO C 164 -3.81 29.38 -15.06
CG2 TPO C 164 -2.87 29.74 -16.20
OG1 TPO C 164 -3.02 29.03 -13.93
P TPO C 164 -3.26 27.61 -13.19
O1P TPO C 164 -2.22 27.53 -11.99
O2P TPO C 164 -4.74 27.58 -12.64
O3P TPO C 164 -3.01 26.41 -14.18
C TPO C 164 -5.66 30.90 -15.79
O TPO C 164 -6.54 30.13 -16.18
N HIS C 165 -5.44 32.09 -16.34
CA HIS C 165 -6.18 32.56 -17.52
C HIS C 165 -5.85 31.80 -18.82
N GLU C 166 -4.59 31.45 -19.00
CA GLU C 166 -4.08 30.81 -20.24
C GLU C 166 -4.52 29.36 -20.32
N VAL C 167 -5.79 29.19 -20.66
CA VAL C 167 -6.42 27.93 -20.44
C VAL C 167 -7.43 27.66 -21.55
N VAL C 168 -7.48 26.41 -22.01
CA VAL C 168 -8.32 25.97 -23.13
C VAL C 168 -7.80 26.51 -24.47
N THR C 169 -7.70 25.63 -25.46
CA THR C 169 -7.37 25.99 -26.83
C THR C 169 -8.42 26.99 -27.35
N LEU C 170 -7.98 28.02 -28.08
CA LEU C 170 -8.84 29.14 -28.50
C LEU C 170 -10.23 28.73 -28.97
N TRP C 171 -10.29 27.76 -29.88
CA TRP C 171 -11.53 27.37 -30.53
C TRP C 171 -12.55 26.81 -29.53
N TYR C 172 -12.05 26.34 -28.38
CA TYR C 172 -12.90 25.65 -27.42
C TYR C 172 -13.12 26.44 -26.13
N ARG C 173 -12.60 27.67 -26.13
CA ARG C 173 -12.58 28.54 -24.96
C ARG C 173 -13.92 29.26 -24.75
N ALA C 174 -14.43 29.17 -23.52
CA ALA C 174 -15.73 29.73 -23.13
C ALA C 174 -15.69 31.25 -23.07
N PRO C 175 -16.83 31.92 -23.27
CA PRO C 175 -16.92 33.38 -23.22
C PRO C 175 -16.31 34.00 -21.96
N GLU C 176 -16.53 33.36 -20.81
CA GLU C 176 -16.03 33.89 -19.53
C GLU C 176 -14.50 33.89 -19.42
N ILE C 177 -13.83 33.01 -20.17
CA ILE C 177 -12.36 33.06 -20.25
C ILE C 177 -11.93 34.16 -21.23
N LEU C 178 -12.57 34.21 -22.40
CA LEU C 178 -12.19 35.17 -23.45
C LEU C 178 -12.30 36.61 -22.96
N LEU C 179 -13.32 36.89 -22.16
CA LEU C 179 -13.53 38.22 -21.58
C LEU C 179 -12.74 38.45 -20.28
N GLY C 180 -12.01 37.43 -19.83
CA GLY C 180 -11.20 37.52 -18.64
C GLY C 180 -11.94 37.82 -17.36
N CYS C 181 -13.09 37.17 -17.15
CA CYS C 181 -13.82 37.25 -15.89
C CYS C 181 -12.92 36.85 -14.73
N LYS C 182 -13.10 37.49 -13.58
CA LYS C 182 -12.37 37.15 -12.36
C LYS C 182 -12.37 35.64 -12.09
N TYR C 183 -13.56 35.04 -12.12
CA TYR C 183 -13.72 33.62 -11.81
C TYR C 183 -14.20 32.80 -13.01
N TYR C 184 -13.79 31.55 -13.06
CA TYR C 184 -14.37 30.58 -13.97
C TYR C 184 -14.34 29.22 -13.28
N SER C 185 -15.17 28.29 -13.75
CA SER C 185 -15.24 26.97 -13.10
C SER C 185 -15.66 25.86 -14.06
N THR C 186 -16.37 24.85 -13.54
CA THR C 186 -16.76 23.66 -14.30
C THR C 186 -17.42 23.96 -15.64
N ALA C 187 -18.15 25.08 -15.69
CA ALA C 187 -18.86 25.50 -16.90
C ALA C 187 -17.94 25.65 -18.12
N VAL C 188 -16.66 25.93 -17.89
CA VAL C 188 -15.72 26.04 -19.01
C VAL C 188 -15.57 24.74 -19.77
N ASP C 189 -15.60 23.62 -19.05
CA ASP C 189 -15.44 22.31 -19.65
C ASP C 189 -16.68 21.91 -20.45
N ILE C 190 -17.85 22.27 -19.94
CA ILE C 190 -19.09 22.01 -20.65
C ILE C 190 -19.11 22.80 -21.97
N TRP C 191 -18.66 24.05 -21.93
CA TRP C 191 -18.54 24.82 -23.16
C TRP C 191 -17.77 24.04 -24.22
N SER C 192 -16.54 23.64 -23.88
CA SER C 192 -15.69 22.85 -24.79
C SER C 192 -16.43 21.64 -25.34
N LEU C 193 -17.15 20.97 -24.45
CA LEU C 193 -17.88 19.78 -24.87
C LEU C 193 -19.06 20.14 -25.80
N GLY C 194 -19.66 21.31 -25.56
CA GLY C 194 -20.69 21.86 -26.44
C GLY C 194 -20.15 22.04 -27.86
N CYS C 195 -18.98 22.66 -27.95
CA CYS C 195 -18.29 22.85 -29.23
C CYS C 195 -17.95 21.53 -29.90
N ILE C 196 -17.53 20.55 -29.10
CA ILE C 196 -17.14 19.25 -29.63
C ILE C 196 -18.34 18.45 -30.15
N PHE C 197 -19.47 18.61 -29.47
CA PHE C 197 -20.76 18.02 -29.89
C PHE C 197 -21.09 18.49 -31.33
N ALA C 198 -21.12 19.81 -31.52
CA ALA C 198 -21.34 20.39 -32.86
C ALA C 198 -20.35 19.87 -33.89
N GLU C 199 -19.09 19.79 -33.51
CA GLU C 199 -18.03 19.35 -34.40
C GLU C 199 -18.18 17.88 -34.86
N MET C 200 -18.66 17.00 -33.99
CA MET C 200 -18.89 15.61 -34.39
C MET C 200 -19.97 15.53 -35.47
N VAL C 201 -20.97 16.41 -35.35
CA VAL C 201 -22.07 16.47 -36.33
C VAL C 201 -21.62 17.01 -37.69
N THR C 202 -20.83 18.09 -37.71
CA THR C 202 -20.43 18.73 -38.97
C THR C 202 -19.06 18.29 -39.48
N ARG C 203 -18.27 17.69 -38.60
CA ARG C 203 -16.85 17.41 -38.84
C ARG C 203 -16.06 18.67 -39.22
N ARG C 204 -16.55 19.82 -38.75
CA ARG C 204 -15.74 21.04 -38.69
C ARG C 204 -15.96 21.78 -37.38
N ALA C 205 -14.92 22.48 -36.94
CA ALA C 205 -14.96 23.21 -35.69
C ALA C 205 -16.08 24.24 -35.73
N LEU C 206 -16.81 24.35 -34.62
CA LEU C 206 -17.95 25.27 -34.52
C LEU C 206 -17.54 26.73 -34.54
N PHE C 207 -16.45 27.06 -33.83
CA PHE C 207 -15.99 28.44 -33.73
C PHE C 207 -14.48 28.50 -33.95
N PRO C 208 -14.04 28.41 -35.21
CA PRO C 208 -12.60 28.44 -35.50
C PRO C 208 -12.03 29.86 -35.60
N GLY C 209 -12.01 30.55 -34.47
CA GLY C 209 -11.50 31.90 -34.43
C GLY C 209 -10.04 31.98 -34.85
N ASP C 210 -9.68 33.11 -35.47
CA ASP C 210 -8.30 33.38 -35.88
C ASP C 210 -7.59 34.25 -34.86
N SER C 211 -8.37 34.81 -33.94
CA SER C 211 -7.85 35.66 -32.88
C SER C 211 -8.91 35.68 -31.79
N GLU C 212 -8.57 36.25 -30.63
CA GLU C 212 -9.54 36.37 -29.54
C GLU C 212 -10.77 37.18 -29.93
N ILE C 213 -10.57 38.27 -30.68
CA ILE C 213 -11.71 39.07 -31.15
C ILE C 213 -12.59 38.30 -32.15
N ASP C 214 -11.94 37.69 -33.14
CA ASP C 214 -12.64 36.86 -34.11
C ASP C 214 -13.39 35.72 -33.41
N GLN C 215 -12.75 35.13 -32.39
CA GLN C 215 -13.39 34.11 -31.57
C GLN C 215 -14.70 34.64 -31.00
N LEU C 216 -14.64 35.79 -30.33
CA LEU C 216 -15.84 36.36 -29.72
C LEU C 216 -16.92 36.70 -30.73
N PHE C 217 -16.52 37.28 -31.87
CA PHE C 217 -17.48 37.67 -32.91
C PHE C 217 -18.21 36.47 -33.51
N ARG C 218 -17.47 35.37 -33.69
CA ARG C 218 -18.07 34.11 -34.16
C ARG C 218 -19.05 33.56 -33.15
N ILE C 219 -18.73 33.70 -31.86
CA ILE C 219 -19.65 33.27 -30.81
C ILE C 219 -20.92 34.14 -30.83
N PHE C 220 -20.74 35.47 -30.90
CA PHE C 220 -21.87 36.42 -30.99
C PHE C 220 -22.76 36.18 -32.22
N ARG C 221 -22.13 36.07 -33.39
CA ARG C 221 -22.86 35.88 -34.64
C ARG C 221 -23.71 34.59 -34.67
N THR C 222 -23.34 33.62 -33.85
CA THR C 222 -24.00 32.31 -33.85
C THR C 222 -25.05 32.17 -32.75
N LEU C 223 -24.76 32.71 -31.57
CA LEU C 223 -25.66 32.57 -30.42
C LEU C 223 -26.42 33.85 -30.05
N GLY C 224 -26.00 34.99 -30.60
CA GLY C 224 -26.63 36.26 -30.30
C GLY C 224 -25.66 37.26 -29.68
N VAL C 256 -26.30 24.38 -36.23
CA VAL C 256 -26.12 22.95 -36.50
C VAL C 256 -27.40 22.33 -37.08
N PRO C 257 -27.51 22.33 -38.41
CA PRO C 257 -28.72 21.87 -39.10
C PRO C 257 -29.10 20.36 -39.03
N PRO C 258 -28.18 19.39 -39.16
CA PRO C 258 -28.59 17.98 -39.25
C PRO C 258 -29.06 17.36 -37.93
N LEU C 259 -29.07 18.14 -36.86
CA LEU C 259 -29.39 17.64 -35.52
C LEU C 259 -30.87 17.80 -35.21
N ASP C 260 -31.43 16.78 -34.55
CA ASP C 260 -32.84 16.79 -34.15
C ASP C 260 -33.15 17.82 -33.05
N GLU C 261 -34.41 17.88 -32.63
CA GLU C 261 -34.88 18.86 -31.65
C GLU C 261 -34.28 18.70 -30.26
N ASP C 262 -34.12 17.46 -29.82
CA ASP C 262 -33.53 17.20 -28.50
C ASP C 262 -32.04 17.54 -28.50
N GLY C 263 -31.35 17.18 -29.60
CA GLY C 263 -29.95 17.51 -29.78
C GLY C 263 -29.67 19.00 -29.67
N ARG C 264 -30.47 19.81 -30.36
CA ARG C 264 -30.29 21.26 -30.35
C ARG C 264 -30.61 21.86 -28.99
N SER C 265 -31.62 21.31 -28.31
CA SER C 265 -31.98 21.74 -26.98
C SER C 265 -30.79 21.56 -26.04
N LEU C 266 -30.18 20.38 -26.08
CA LEU C 266 -29.01 20.08 -25.24
C LEU C 266 -27.81 20.95 -25.61
N LEU C 267 -27.52 21.06 -26.91
CA LEU C 267 -26.43 21.91 -27.40
C LEU C 267 -26.55 23.35 -26.92
N SER C 268 -27.78 23.89 -26.95
CA SER C 268 -27.99 25.28 -26.51
C SER C 268 -27.84 25.49 -25.01
N GLN C 269 -28.09 24.44 -24.22
CA GLN C 269 -27.86 24.48 -22.78
C GLN C 269 -26.37 24.34 -22.45
N MET C 270 -25.66 23.59 -23.29
CA MET C 270 -24.21 23.44 -23.15
C MET C 270 -23.47 24.70 -23.59
N LEU C 271 -24.12 25.52 -24.42
CA LEU C 271 -23.49 26.74 -24.94
C LEU C 271 -24.15 28.02 -24.44
N HIS C 272 -24.81 27.95 -23.27
CA HIS C 272 -25.36 29.14 -22.64
C HIS C 272 -24.26 30.17 -22.34
N TYR C 273 -24.57 31.43 -22.62
CA TYR C 273 -23.63 32.53 -22.33
C TYR C 273 -23.31 32.60 -20.84
N ASP C 274 -24.36 32.52 -20.02
CA ASP C 274 -24.23 32.57 -18.57
C ASP C 274 -23.68 31.24 -18.06
N PRO C 275 -22.48 31.27 -17.46
CA PRO C 275 -21.83 30.05 -16.96
C PRO C 275 -22.67 29.38 -15.88
N ASN C 276 -23.38 30.17 -15.08
CA ASN C 276 -24.24 29.60 -14.05
C ASN C 276 -25.51 28.94 -14.60
N LYS C 277 -25.99 29.45 -15.73
CA LYS C 277 -27.16 28.85 -16.40
C LYS C 277 -26.77 27.67 -17.30
N ARG C 278 -25.52 27.67 -17.78
CA ARG C 278 -24.98 26.54 -18.52
C ARG C 278 -25.21 25.23 -17.79
N ILE C 279 -25.62 24.20 -18.52
CA ILE C 279 -25.91 22.89 -17.95
C ILE C 279 -24.66 22.23 -17.38
N SER C 280 -24.81 21.58 -16.22
CA SER C 280 -23.75 20.74 -15.66
C SER C 280 -23.70 19.40 -16.39
N ALA C 281 -22.55 18.73 -16.33
CA ALA C 281 -22.41 17.40 -16.92
C ALA C 281 -23.39 16.40 -16.29
N LYS C 282 -23.56 16.50 -14.98
CA LYS C 282 -24.50 15.68 -14.22
C LYS C 282 -25.92 15.82 -14.79
N ALA C 283 -26.38 17.06 -14.94
CA ALA C 283 -27.73 17.32 -15.43
C ALA C 283 -27.89 16.98 -16.90
N ALA C 284 -26.80 17.15 -17.66
CA ALA C 284 -26.80 16.84 -19.09
C ALA C 284 -27.05 15.36 -19.35
N LEU C 285 -26.60 14.52 -18.43
CA LEU C 285 -26.80 13.07 -18.56
C LEU C 285 -28.28 12.65 -18.48
N ALA C 286 -29.10 13.49 -17.86
CA ALA C 286 -30.54 13.24 -17.74
C ALA C 286 -31.36 13.99 -18.79
N HIS C 287 -30.68 14.48 -19.83
CA HIS C 287 -31.38 15.12 -20.94
C HIS C 287 -32.08 14.06 -21.82
N PRO C 288 -33.31 14.34 -22.24
CA PRO C 288 -34.05 13.45 -23.15
C PRO C 288 -33.25 12.98 -24.36
N PHE C 289 -32.32 13.79 -24.86
CA PHE C 289 -31.47 13.41 -25.99
C PHE C 289 -30.85 12.03 -25.78
N PHE C 290 -30.51 11.72 -24.53
CA PHE C 290 -29.82 10.46 -24.23
C PHE C 290 -30.76 9.28 -23.92
N GLN C 291 -32.07 9.50 -23.94
CA GLN C 291 -33.01 8.45 -23.52
C GLN C 291 -32.84 7.12 -24.26
N ASP C 292 -32.46 7.19 -25.53
CA ASP C 292 -32.30 5.99 -26.38
C ASP C 292 -30.83 5.59 -26.67
N VAL C 293 -29.89 6.11 -25.89
CA VAL C 293 -28.46 5.90 -26.13
C VAL C 293 -28.04 4.43 -26.15
N THR C 294 -27.15 4.09 -27.07
CA THR C 294 -26.54 2.77 -27.16
C THR C 294 -25.02 2.93 -27.19
N LYS C 295 -24.30 1.85 -27.53
CA LYS C 295 -22.85 1.91 -27.65
C LYS C 295 -22.37 1.27 -28.96
N PRO C 296 -22.49 2.00 -30.08
CA PRO C 296 -22.05 1.49 -31.38
C PRO C 296 -20.53 1.38 -31.48
N VAL C 297 -20.08 0.54 -32.41
CA VAL C 297 -18.66 0.41 -32.73
C VAL C 297 -18.32 1.35 -33.90
N PRO C 298 -17.24 2.12 -33.77
CA PRO C 298 -16.83 3.03 -34.86
C PRO C 298 -16.26 2.27 -36.05
N HIS C 299 -16.42 2.83 -37.25
CA HIS C 299 -15.83 2.27 -38.47
C HIS C 299 -14.43 2.84 -38.62
N LEU C 300 -13.42 2.06 -38.19
CA LEU C 300 -12.03 2.53 -38.20
C LEU C 300 -11.22 1.93 -39.35
N ASP D 5 -24.38 22.02 -7.94
CA ASP D 5 -24.46 20.70 -8.66
C ASP D 5 -23.45 19.69 -8.15
N TYR D 6 -22.29 20.17 -7.70
CA TYR D 6 -21.22 19.27 -7.24
C TYR D 6 -20.77 19.56 -5.81
N HIS D 7 -21.26 20.65 -5.23
CA HIS D 7 -20.85 21.10 -3.89
C HIS D 7 -20.94 19.97 -2.87
N GLU D 8 -21.97 19.13 -2.96
CA GLU D 8 -22.13 18.05 -1.99
C GLU D 8 -21.34 16.80 -2.34
N ASP D 9 -21.24 16.47 -3.63
CA ASP D 9 -20.35 15.40 -4.09
C ASP D 9 -18.91 15.65 -3.67
N ILE D 10 -18.44 16.87 -3.91
CA ILE D 10 -17.07 17.27 -3.59
C ILE D 10 -16.83 17.19 -2.08
N HIS D 11 -17.73 17.79 -1.29
CA HIS D 11 -17.65 17.66 0.16
C HIS D 11 -17.53 16.20 0.59
N THR D 12 -18.41 15.35 0.06
CA THR D 12 -18.41 13.93 0.42
C THR D 12 -17.09 13.27 0.02
N TYR D 13 -16.59 13.61 -1.16
CA TYR D 13 -15.34 13.05 -1.64
C TYR D 13 -14.16 13.49 -0.77
N LEU D 14 -14.14 14.76 -0.38
CA LEU D 14 -13.06 15.32 0.45
C LEU D 14 -13.04 14.70 1.83
N ARG D 15 -14.23 14.42 2.37
CA ARG D 15 -14.34 13.74 3.66
C ARG D 15 -13.79 12.32 3.59
N GLU D 16 -13.98 11.68 2.43
CA GLU D 16 -13.37 10.38 2.18
C GLU D 16 -11.83 10.47 2.06
N MET D 17 -11.34 11.49 1.36
CA MET D 17 -9.88 11.57 1.11
C MET D 17 -9.09 12.04 2.32
N GLU D 18 -9.70 12.86 3.19
CA GLU D 18 -8.98 13.35 4.37
C GLU D 18 -8.52 12.21 5.28
N VAL D 19 -9.27 11.11 5.28
CA VAL D 19 -8.90 9.94 6.06
C VAL D 19 -7.71 9.21 5.41
N LYS D 20 -7.73 9.13 4.08
CA LYS D 20 -6.63 8.46 3.36
C LYS D 20 -5.33 9.26 3.35
N CYS D 21 -5.46 10.59 3.41
CA CYS D 21 -4.32 11.51 3.37
C CYS D 21 -3.81 11.91 4.77
N LYS D 22 -4.41 11.35 5.80
CA LYS D 22 -4.03 11.67 7.19
C LYS D 22 -2.66 11.10 7.54
N PRO D 23 -1.76 11.93 8.10
CA PRO D 23 -0.47 11.44 8.58
C PRO D 23 -0.61 10.49 9.78
N LYS D 24 0.49 9.84 10.15
CA LYS D 24 0.55 9.01 11.35
C LYS D 24 0.45 9.89 12.60
N VAL D 25 -0.58 9.66 13.41
CA VAL D 25 -0.82 10.44 14.64
C VAL D 25 0.44 10.56 15.51
N GLY D 26 1.04 9.43 15.87
CA GLY D 26 2.17 9.49 16.79
C GLY D 26 3.54 9.38 16.17
N TYR D 27 3.70 9.89 14.95
CA TYR D 27 4.96 9.66 14.21
C TYR D 27 6.22 10.22 14.89
N MET D 28 6.09 11.35 15.57
CA MET D 28 7.22 12.05 16.14
C MET D 28 7.94 11.25 17.24
N LYS D 29 7.16 10.45 17.95
CA LYS D 29 7.69 9.54 18.97
C LYS D 29 8.62 8.51 18.33
N LYS D 30 8.45 8.28 17.03
CA LYS D 30 9.28 7.33 16.31
C LYS D 30 10.43 7.97 15.53
N GLN D 31 10.50 9.31 15.54
CA GLN D 31 11.66 10.02 14.99
C GLN D 31 12.70 10.19 16.09
N PRO D 32 13.86 9.53 15.96
CA PRO D 32 14.88 9.65 17.00
C PRO D 32 15.57 11.02 17.09
N ASP D 33 15.55 11.82 16.03
CA ASP D 33 16.35 13.04 15.99
C ASP D 33 15.56 14.35 15.98
N ILE D 34 14.25 14.26 15.73
CA ILE D 34 13.41 15.46 15.68
C ILE D 34 12.24 15.37 16.65
N THR D 35 11.65 16.52 16.96
CA THR D 35 10.57 16.63 17.95
C THR D 35 9.48 17.57 17.44
N ASN D 36 8.35 17.56 18.15
CA ASN D 36 7.28 18.50 17.88
C ASN D 36 7.69 19.98 17.89
N SER D 37 8.58 20.34 18.82
CA SER D 37 9.11 21.70 18.92
C SER D 37 9.87 22.10 17.67
N MET D 38 10.69 21.20 17.13
CA MET D 38 11.38 21.48 15.87
C MET D 38 10.39 21.68 14.72
N ARG D 39 9.35 20.87 14.69
CA ARG D 39 8.32 20.94 13.65
C ARG D 39 7.58 22.25 13.76
N ALA D 40 7.31 22.69 14.99
CA ALA D 40 6.70 23.99 15.24
C ALA D 40 7.53 25.11 14.63
N ILE D 41 8.84 25.08 14.87
CA ILE D 41 9.76 26.06 14.30
C ILE D 41 9.66 26.05 12.76
N LEU D 42 9.63 24.84 12.19
CA LEU D 42 9.56 24.67 10.75
C LEU D 42 8.27 25.23 10.16
N VAL D 43 7.13 24.86 10.76
CA VAL D 43 5.83 25.31 10.24
C VAL D 43 5.70 26.84 10.32
N ASP D 44 6.23 27.39 11.42
CA ASP D 44 6.22 28.84 11.63
C ASP D 44 7.04 29.57 10.57
N TRP D 45 8.21 29.00 10.23
CA TRP D 45 9.02 29.56 9.16
C TRP D 45 8.29 29.50 7.80
N LEU D 46 7.56 28.41 7.55
CA LEU D 46 6.76 28.31 6.33
C LEU D 46 5.64 29.36 6.22
N VAL D 47 5.11 29.78 7.37
CA VAL D 47 4.17 30.88 7.42
C VAL D 47 4.88 32.15 6.93
N GLU D 48 6.07 32.42 7.47
CA GLU D 48 6.85 33.59 7.07
C GLU D 48 7.15 33.56 5.57
N VAL D 49 7.54 32.39 5.07
CA VAL D 49 7.80 32.18 3.66
C VAL D 49 6.58 32.49 2.80
N GLY D 50 5.44 31.93 3.20
CA GLY D 50 4.19 32.16 2.50
C GLY D 50 3.83 33.63 2.47
N GLU D 51 4.19 34.35 3.54
CA GLU D 51 3.95 35.78 3.62
C GLU D 51 4.84 36.57 2.69
N GLU D 52 6.14 36.26 2.74
CA GLU D 52 7.15 36.91 1.91
C GLU D 52 6.79 36.82 0.42
N TYR D 53 6.34 35.65 -0.01
CA TYR D 53 6.06 35.41 -1.41
C TYR D 53 4.59 35.54 -1.77
N LYS D 54 3.81 36.06 -0.84
CA LYS D 54 2.36 36.25 -1.00
C LYS D 54 1.66 35.02 -1.57
N LEU D 55 1.98 33.86 -0.99
CA LEU D 55 1.39 32.58 -1.40
C LEU D 55 0.03 32.37 -0.78
N GLN D 56 -0.76 31.49 -1.39
CA GLN D 56 -2.08 31.15 -0.90
C GLN D 56 -1.98 30.43 0.45
N ASN D 57 -2.97 30.64 1.31
CA ASN D 57 -3.04 29.88 2.56
C ASN D 57 -3.15 28.40 2.28
N GLU D 58 -3.88 28.05 1.22
CA GLU D 58 -4.02 26.67 0.77
C GLU D 58 -2.66 26.00 0.59
N THR D 59 -1.73 26.74 0.01
CA THR D 59 -0.38 26.24 -0.30
C THR D 59 0.37 25.87 0.97
N LEU D 60 0.25 26.74 1.97
CA LEU D 60 0.82 26.50 3.28
C LEU D 60 0.26 25.22 3.89
N HIS D 61 -1.06 25.06 3.80
CA HIS D 61 -1.73 23.89 4.39
C HIS D 61 -1.29 22.60 3.70
N LEU D 62 -1.22 22.65 2.37
CA LEU D 62 -0.71 21.49 1.61
C LEU D 62 0.69 21.11 2.04
N ALA D 63 1.59 22.10 2.14
CA ALA D 63 2.99 21.79 2.46
C ALA D 63 3.12 21.07 3.81
N VAL D 64 2.35 21.51 4.78
CA VAL D 64 2.33 20.87 6.11
C VAL D 64 1.83 19.43 6.02
N ASN D 65 0.73 19.21 5.29
CA ASN D 65 0.25 17.84 5.04
C ASN D 65 1.37 16.99 4.45
N TYR D 66 2.09 17.54 3.46
CA TYR D 66 3.18 16.77 2.82
C TYR D 66 4.30 16.46 3.79
N ILE D 67 4.66 17.45 4.63
CA ILE D 67 5.73 17.26 5.60
C ILE D 67 5.36 16.13 6.57
N ASP D 68 4.13 16.18 7.08
CA ASP D 68 3.70 15.21 8.07
C ASP D 68 3.67 13.78 7.50
N ARG D 69 3.16 13.64 6.28
CA ARG D 69 3.16 12.31 5.62
C ARG D 69 4.58 11.82 5.34
N PHE D 70 5.46 12.73 4.91
CA PHE D 70 6.86 12.38 4.69
C PHE D 70 7.52 11.90 5.97
N LEU D 71 7.33 12.65 7.06
CA LEU D 71 7.94 12.29 8.35
C LEU D 71 7.27 11.07 8.98
N SER D 72 6.06 10.74 8.52
CA SER D 72 5.37 9.53 8.96
C SER D 72 6.06 8.27 8.46
N SER D 73 6.84 8.37 7.37
CA SER D 73 7.53 7.18 6.85
C SER D 73 9.05 7.27 6.71
N MET D 74 9.64 8.46 6.81
CA MET D 74 11.09 8.59 6.63
C MET D 74 11.71 9.26 7.84
N SER D 75 12.74 8.64 8.41
CA SER D 75 13.49 9.25 9.51
C SER D 75 14.35 10.35 8.92
N VAL D 76 14.34 11.51 9.58
CA VAL D 76 15.07 12.66 9.09
C VAL D 76 15.93 13.21 10.24
N LEU D 77 17.19 13.47 9.97
CA LEU D 77 18.05 14.13 10.96
C LEU D 77 17.67 15.59 11.04
N ARG D 78 17.90 16.20 12.20
CA ARG D 78 17.39 17.55 12.39
C ARG D 78 17.99 18.57 11.41
N GLY D 79 19.23 18.37 10.98
CA GLY D 79 19.87 19.28 10.05
C GLY D 79 19.27 19.23 8.66
N LYS D 80 18.42 18.24 8.40
CA LYS D 80 17.77 18.06 7.11
C LYS D 80 16.26 18.37 7.15
N LEU D 81 15.74 18.67 8.34
CA LEU D 81 14.32 18.98 8.51
C LEU D 81 13.84 20.14 7.64
N GLN D 82 14.61 21.23 7.62
CA GLN D 82 14.25 22.39 6.81
C GLN D 82 14.29 22.09 5.31
N LEU D 83 15.20 21.21 4.90
CA LEU D 83 15.27 20.80 3.51
C LEU D 83 13.97 20.09 3.10
N VAL D 84 13.48 19.19 3.97
CA VAL D 84 12.18 18.56 3.71
C VAL D 84 11.08 19.60 3.57
N GLY D 85 11.00 20.51 4.53
CA GLY D 85 9.96 21.54 4.53
C GLY D 85 10.06 22.44 3.30
N THR D 86 11.29 22.74 2.87
CA THR D 86 11.50 23.60 1.71
C THR D 86 11.03 22.89 0.43
N ALA D 87 11.38 21.61 0.29
CA ALA D 87 10.90 20.85 -0.87
C ALA D 87 9.37 20.72 -0.85
N ALA D 88 8.79 20.59 0.34
CA ALA D 88 7.33 20.48 0.49
C ALA D 88 6.59 21.73 0.00
N MET D 89 7.11 22.90 0.38
CA MET D 89 6.53 24.17 -0.01
C MET D 89 6.65 24.40 -1.52
N LEU D 90 7.79 24.01 -2.07
CA LEU D 90 8.01 24.07 -3.51
C LEU D 90 6.97 23.21 -4.22
N LEU D 91 6.79 21.98 -3.76
CA LEU D 91 5.80 21.09 -4.34
C LEU D 91 4.38 21.62 -4.21
N ALA D 92 4.05 22.11 -3.01
CA ALA D 92 2.73 22.71 -2.79
C ALA D 92 2.52 23.92 -3.71
N SER D 93 3.57 24.72 -3.90
CA SER D 93 3.50 25.87 -4.79
C SER D 93 3.23 25.44 -6.22
N LYS D 94 3.97 24.44 -6.68
CA LYS D 94 3.76 23.92 -8.02
C LYS D 94 2.33 23.40 -8.22
N PHE D 95 1.81 22.72 -7.20
CA PHE D 95 0.48 22.17 -7.29
C PHE D 95 -0.59 23.27 -7.32
N GLU D 96 -0.43 24.27 -6.46
CA GLU D 96 -1.53 25.17 -6.11
C GLU D 96 -1.48 26.58 -6.73
N GLU D 97 -0.29 27.10 -6.95
CA GLU D 97 -0.16 28.53 -7.29
C GLU D 97 -0.26 28.74 -8.79
N ILE D 98 -0.89 29.83 -9.20
CA ILE D 98 -0.81 30.25 -10.61
C ILE D 98 0.65 30.61 -10.93
N TYR D 99 1.30 31.35 -10.03
CA TYR D 99 2.69 31.78 -10.25
C TYR D 99 3.62 31.33 -9.11
N PRO D 100 3.96 30.04 -9.05
CA PRO D 100 4.84 29.57 -7.98
C PRO D 100 6.17 30.32 -8.02
N PRO D 101 6.82 30.52 -6.88
CA PRO D 101 8.17 31.08 -6.89
C PRO D 101 9.10 30.09 -7.56
N GLU D 102 10.14 30.59 -8.23
CA GLU D 102 11.13 29.73 -8.87
C GLU D 102 11.96 29.03 -7.80
N VAL D 103 12.58 27.92 -8.17
CA VAL D 103 13.42 27.14 -7.26
C VAL D 103 14.45 27.99 -6.52
N ALA D 104 15.13 28.88 -7.27
CA ALA D 104 16.14 29.77 -6.72
C ALA D 104 15.59 30.57 -5.53
N GLU D 105 14.32 30.92 -5.59
CA GLU D 105 13.71 31.65 -4.48
C GLU D 105 13.65 30.77 -3.23
N PHE D 106 13.28 29.49 -3.40
CA PHE D 106 13.27 28.55 -2.29
C PHE D 106 14.67 28.33 -1.71
N VAL D 107 15.67 28.26 -2.58
CA VAL D 107 17.06 28.13 -2.14
C VAL D 107 17.46 29.37 -1.33
N TYR D 108 17.13 30.55 -1.85
CA TYR D 108 17.43 31.81 -1.18
C TYR D 108 16.91 31.88 0.27
N ILE D 109 15.64 31.51 0.46
CA ILE D 109 15.02 31.58 1.80
C ILE D 109 15.62 30.65 2.85
N THR D 110 16.44 29.67 2.43
CA THR D 110 17.15 28.78 3.37
C THR D 110 18.51 29.32 3.82
N ASP D 111 18.89 30.48 3.26
CA ASP D 111 20.12 31.20 3.66
C ASP D 111 21.42 30.44 3.38
N ASP D 112 21.42 29.72 2.26
CA ASP D 112 22.61 29.00 1.75
C ASP D 112 23.07 27.80 2.60
N THR D 113 22.18 27.30 3.45
CA THR D 113 22.43 26.06 4.18
C THR D 113 22.33 24.87 3.21
N TYR D 114 21.41 24.98 2.27
CA TYR D 114 21.20 23.94 1.26
C TYR D 114 21.51 24.49 -0.11
N THR D 115 22.02 23.62 -0.98
CA THR D 115 22.22 23.98 -2.37
C THR D 115 20.93 23.74 -3.14
N LYS D 116 20.89 24.24 -4.36
CA LYS D 116 19.75 24.05 -5.25
C LYS D 116 19.60 22.60 -5.65
N LYS D 117 20.72 21.93 -5.85
CA LYS D 117 20.70 20.52 -6.19
C LYS D 117 20.06 19.69 -5.08
N GLN D 118 20.37 20.02 -3.82
CA GLN D 118 19.76 19.35 -2.66
C GLN D 118 18.26 19.56 -2.63
N VAL D 119 17.83 20.79 -2.88
CA VAL D 119 16.40 21.11 -2.89
C VAL D 119 15.65 20.30 -3.95
N LEU D 120 16.26 20.17 -5.12
CA LEU D 120 15.62 19.50 -6.25
C LEU D 120 15.59 17.99 -6.05
N ARG D 121 16.69 17.44 -5.56
CA ARG D 121 16.74 16.03 -5.21
C ARG D 121 15.72 15.68 -4.10
N MET D 122 15.60 16.55 -3.10
CA MET D 122 14.57 16.37 -2.07
C MET D 122 13.19 16.46 -2.66
N GLU D 123 12.99 17.35 -3.64
CA GLU D 123 11.68 17.46 -4.25
C GLU D 123 11.28 16.09 -4.82
N HIS D 124 12.21 15.46 -5.53
CA HIS D 124 11.94 14.17 -6.12
C HIS D 124 11.76 13.04 -5.08
N LEU D 125 12.58 13.05 -4.03
CA LEU D 125 12.40 12.10 -2.92
C LEU D 125 11.01 12.25 -2.28
N VAL D 126 10.56 13.49 -2.05
CA VAL D 126 9.25 13.72 -1.43
C VAL D 126 8.13 13.18 -2.33
N LEU D 127 8.22 13.47 -3.63
CA LEU D 127 7.25 12.92 -4.59
C LEU D 127 7.19 11.40 -4.53
N LYS D 128 8.35 10.75 -4.48
CA LYS D 128 8.42 9.29 -4.44
C LYS D 128 7.81 8.74 -3.15
N VAL D 129 8.18 9.32 -2.01
CA VAL D 129 7.63 8.91 -0.71
C VAL D 129 6.11 9.08 -0.62
N LEU D 130 5.59 10.19 -1.16
CA LEU D 130 4.15 10.43 -1.21
C LEU D 130 3.44 9.73 -2.39
N THR D 131 4.20 8.98 -3.17
CA THR D 131 3.77 8.39 -4.46
C THR D 131 2.88 9.33 -5.30
N PHE D 132 3.35 10.58 -5.41
CA PHE D 132 2.70 11.63 -6.21
C PHE D 132 1.29 11.98 -5.74
N ASP D 133 0.91 11.51 -4.57
CA ASP D 133 -0.45 11.76 -4.07
C ASP D 133 -0.50 13.10 -3.37
N LEU D 134 -0.73 14.17 -4.14
CA LEU D 134 -0.57 15.54 -3.66
C LEU D 134 -1.86 16.33 -3.46
N ALA D 135 -2.97 15.78 -3.95
CA ALA D 135 -4.25 16.47 -3.90
C ALA D 135 -4.96 16.19 -2.58
N ALA D 136 -4.33 16.61 -1.48
CA ALA D 136 -4.84 16.36 -0.13
C ALA D 136 -5.82 17.44 0.32
N PRO D 137 -6.90 17.02 0.97
CA PRO D 137 -7.84 17.94 1.61
C PRO D 137 -7.19 18.68 2.76
N THR D 138 -7.46 19.97 2.89
CA THR D 138 -6.90 20.79 3.97
C THR D 138 -7.98 21.42 4.82
N VAL D 139 -7.59 21.93 5.99
CA VAL D 139 -8.46 22.75 6.81
C VAL D 139 -9.04 23.88 5.98
N ASN D 140 -8.17 24.55 5.23
CA ASN D 140 -8.59 25.64 4.34
C ASN D 140 -9.71 25.27 3.38
N GLN D 141 -9.66 24.07 2.80
CA GLN D 141 -10.63 23.63 1.81
C GLN D 141 -12.02 23.50 2.41
N PHE D 142 -12.07 22.98 3.62
CA PHE D 142 -13.33 22.87 4.36
C PHE D 142 -13.85 24.23 4.84
N LEU D 143 -12.97 25.07 5.38
CA LEU D 143 -13.32 26.44 5.77
C LEU D 143 -14.00 27.24 4.66
N THR D 144 -13.44 27.23 3.45
CA THR D 144 -14.07 27.99 2.36
C THR D 144 -15.48 27.47 2.06
N GLN D 145 -15.67 26.16 2.20
CA GLN D 145 -17.00 25.58 2.05
C GLN D 145 -17.94 26.08 3.16
N TYR D 146 -17.46 26.08 4.39
CA TYR D 146 -18.23 26.52 5.55
C TYR D 146 -18.62 28.00 5.47
N PHE D 147 -17.74 28.83 4.92
CA PHE D 147 -17.95 30.28 4.84
C PHE D 147 -19.21 30.65 4.04
N LEU D 148 -19.63 29.73 3.17
CA LEU D 148 -20.81 29.92 2.33
C LEU D 148 -22.12 29.83 3.12
N HIS D 149 -22.04 29.34 4.35
CA HIS D 149 -23.20 29.20 5.23
C HIS D 149 -23.33 30.38 6.21
N GLN D 150 -22.53 31.42 6.00
CA GLN D 150 -22.63 32.65 6.78
C GLN D 150 -23.90 33.41 6.42
N GLN D 151 -24.45 34.12 7.40
CA GLN D 151 -25.68 34.89 7.20
C GLN D 151 -25.69 36.12 8.13
N PRO D 152 -25.09 37.23 7.66
CA PRO D 152 -24.45 37.32 6.35
C PRO D 152 -22.96 36.97 6.42
N ALA D 153 -22.25 37.10 5.30
CA ALA D 153 -20.80 36.93 5.26
C ALA D 153 -20.11 38.06 6.03
N ASN D 154 -19.13 37.68 6.85
CA ASN D 154 -18.39 38.64 7.66
C ASN D 154 -16.87 38.47 7.43
N CYS D 155 -16.23 39.55 6.99
CA CYS D 155 -14.79 39.54 6.71
C CYS D 155 -13.94 39.23 7.95
N LYS D 156 -14.32 39.78 9.11
CA LYS D 156 -13.63 39.52 10.36
C LYS D 156 -13.72 38.04 10.77
N VAL D 157 -14.90 37.44 10.54
CA VAL D 157 -15.11 36.02 10.87
C VAL D 157 -14.23 35.10 10.00
N GLU D 158 -14.31 35.26 8.68
CA GLU D 158 -13.53 34.44 7.76
C GLU D 158 -12.05 34.54 8.07
N SER D 159 -11.55 35.78 8.16
CA SER D 159 -10.16 36.02 8.53
C SER D 159 -9.78 35.35 9.87
N LEU D 160 -10.67 35.42 10.86
CA LEU D 160 -10.39 34.82 12.17
C LEU D 160 -10.43 33.27 12.17
N ALA D 161 -11.34 32.69 11.41
CA ALA D 161 -11.38 31.23 11.29
C ALA D 161 -10.09 30.73 10.63
N MET D 162 -9.64 31.47 9.61
CA MET D 162 -8.40 31.17 8.90
C MET D 162 -7.21 31.19 9.86
N PHE D 163 -7.17 32.24 10.67
CA PHE D 163 -6.13 32.42 11.69
C PHE D 163 -6.05 31.21 12.61
N LEU D 164 -7.19 30.77 13.11
CA LEU D 164 -7.26 29.67 14.07
C LEU D 164 -6.91 28.32 13.44
N GLY D 165 -7.40 28.08 12.23
CA GLY D 165 -7.06 26.88 11.48
C GLY D 165 -5.56 26.78 11.23
N GLU D 166 -4.93 27.95 11.03
CA GLU D 166 -3.50 28.05 10.82
C GLU D 166 -2.70 27.79 12.09
N LEU D 167 -3.18 28.33 13.21
CA LEU D 167 -2.55 28.08 14.51
C LEU D 167 -2.44 26.58 14.78
N SER D 168 -3.44 25.81 14.31
CA SER D 168 -3.47 24.35 14.47
C SER D 168 -2.35 23.60 13.76
N LEU D 169 -1.84 24.16 12.66
CA LEU D 169 -0.76 23.50 11.90
C LEU D 169 0.55 23.47 12.69
N ILE D 170 0.72 24.41 13.63
CA ILE D 170 1.98 24.58 14.37
C ILE D 170 2.19 23.46 15.38
N ASP D 171 1.10 23.00 15.98
CA ASP D 171 1.19 22.09 17.12
C ASP D 171 0.70 20.68 16.77
N ALA D 172 1.63 19.79 16.43
CA ALA D 172 1.31 18.39 16.08
C ALA D 172 0.52 17.72 17.19
N ASP D 173 0.96 17.94 18.41
CA ASP D 173 0.24 17.54 19.59
C ASP D 173 -0.46 18.83 20.04
N PRO D 174 -1.78 18.89 20.00
CA PRO D 174 -2.65 17.73 19.72
C PRO D 174 -3.28 17.61 18.32
N TYR D 175 -3.01 18.52 17.39
CA TYR D 175 -3.88 18.63 16.22
C TYR D 175 -3.79 17.53 15.16
N LEU D 176 -2.73 16.74 15.22
CA LEU D 176 -2.58 15.60 14.31
C LEU D 176 -3.69 14.56 14.49
N LYS D 177 -4.29 14.53 15.68
CA LYS D 177 -5.34 13.55 15.92
C LYS D 177 -6.70 14.00 15.40
N TYR D 178 -6.81 15.25 14.96
CA TYR D 178 -8.06 15.76 14.40
C TYR D 178 -8.00 15.90 12.88
N LEU D 179 -9.08 15.52 12.21
CA LEU D 179 -9.21 15.68 10.77
C LEU D 179 -9.39 17.14 10.37
N PRO D 180 -8.91 17.51 9.19
CA PRO D 180 -9.12 18.87 8.65
C PRO D 180 -10.56 19.39 8.77
N SER D 181 -11.56 18.54 8.51
CA SER D 181 -12.96 18.97 8.54
C SER D 181 -13.42 19.41 9.94
N VAL D 182 -12.83 18.76 10.95
CA VAL D 182 -13.16 18.99 12.34
C VAL D 182 -12.48 20.25 12.85
N ILE D 183 -11.17 20.37 12.62
CA ILE D 183 -10.43 21.57 12.97
C ILE D 183 -11.10 22.78 12.32
N ALA D 184 -11.52 22.62 11.06
CA ALA D 184 -12.24 23.67 10.34
C ALA D 184 -13.56 24.01 11.05
N GLY D 185 -14.29 22.98 11.48
CA GLY D 185 -15.51 23.17 12.25
C GLY D 185 -15.26 24.02 13.50
N ALA D 186 -14.29 23.61 14.31
CA ALA D 186 -13.94 24.34 15.52
C ALA D 186 -13.53 25.77 15.23
N ALA D 187 -12.72 25.98 14.20
CA ALA D 187 -12.20 27.31 13.90
C ALA D 187 -13.32 28.23 13.47
N PHE D 188 -14.23 27.72 12.64
CA PHE D 188 -15.36 28.50 12.16
C PHE D 188 -16.29 28.95 13.30
N HIS D 189 -16.69 28.02 14.17
CA HIS D 189 -17.51 28.37 15.34
C HIS D 189 -16.82 29.39 16.24
N LEU D 190 -15.58 29.09 16.62
CA LEU D 190 -14.79 29.96 17.48
C LEU D 190 -14.67 31.36 16.89
N ALA D 191 -14.45 31.45 15.57
CA ALA D 191 -14.43 32.74 14.87
C ALA D 191 -15.79 33.43 14.92
N LEU D 192 -16.85 32.68 14.58
CA LEU D 192 -18.21 33.18 14.57
C LEU D 192 -18.57 33.81 15.92
N TYR D 193 -18.46 33.00 16.98
CA TYR D 193 -18.77 33.37 18.36
C TYR D 193 -17.99 34.60 18.85
N THR D 194 -16.70 34.66 18.52
CA THR D 194 -15.83 35.76 18.94
C THR D 194 -16.26 37.11 18.35
N VAL D 195 -16.67 37.12 17.09
CA VAL D 195 -16.98 38.36 16.39
C VAL D 195 -18.44 38.79 16.51
N THR D 196 -19.35 37.83 16.51
CA THR D 196 -20.79 38.10 16.42
C THR D 196 -21.62 37.48 17.55
N GLY D 197 -21.06 36.50 18.25
CA GLY D 197 -21.80 35.79 19.28
C GLY D 197 -22.66 34.65 18.74
N GLN D 198 -22.75 34.54 17.42
CA GLN D 198 -23.48 33.46 16.74
C GLN D 198 -22.81 32.10 16.98
N SER D 199 -23.53 31.02 16.67
CA SER D 199 -23.02 29.67 16.88
C SER D 199 -23.06 28.84 15.61
N TRP D 200 -22.14 27.87 15.53
CA TRP D 200 -22.12 26.83 14.51
C TRP D 200 -23.53 26.62 13.96
N PRO D 201 -23.77 27.08 12.74
CA PRO D 201 -25.13 27.15 12.20
C PRO D 201 -25.73 25.80 11.83
N GLU D 202 -27.06 25.76 11.86
CA GLU D 202 -27.87 24.58 11.62
C GLU D 202 -27.59 23.91 10.27
N SER D 203 -27.46 24.73 9.22
CA SER D 203 -27.22 24.22 7.88
C SER D 203 -25.90 23.43 7.80
N LEU D 204 -24.90 23.87 8.57
CA LEU D 204 -23.63 23.14 8.63
C LEU D 204 -23.70 21.82 9.41
N ILE D 205 -24.61 21.73 10.38
CA ILE D 205 -24.84 20.45 11.07
C ILE D 205 -25.39 19.42 10.07
N ARG D 206 -26.30 19.87 9.21
CA ARG D 206 -26.88 19.04 8.16
C ARG D 206 -25.82 18.68 7.12
N LYS D 207 -25.03 19.68 6.73
CA LYS D 207 -23.98 19.49 5.73
C LYS D 207 -22.94 18.49 6.22
N THR D 208 -22.35 18.78 7.38
CA THR D 208 -21.16 18.06 7.86
C THR D 208 -21.46 16.89 8.79
N GLY D 209 -22.64 16.90 9.40
CA GLY D 209 -22.99 15.90 10.41
C GLY D 209 -22.29 16.14 11.72
N TYR D 210 -21.70 17.33 11.87
CA TYR D 210 -21.03 17.71 13.10
C TYR D 210 -21.92 18.60 13.95
N THR D 211 -21.99 18.27 15.24
CA THR D 211 -22.69 19.10 16.22
C THR D 211 -21.63 19.83 17.04
N LEU D 212 -22.04 20.92 17.68
CA LEU D 212 -21.17 21.65 18.59
C LEU D 212 -20.62 20.72 19.66
N GLU D 213 -21.32 19.60 19.88
CA GLU D 213 -20.92 18.57 20.84
C GLU D 213 -19.80 17.69 20.28
N SER D 214 -19.94 17.23 19.04
CA SER D 214 -18.89 16.42 18.40
C SER D 214 -17.60 17.22 18.16
N LEU D 215 -17.75 18.54 17.97
CA LEU D 215 -16.60 19.43 17.83
C LEU D 215 -15.96 19.81 19.17
N LYS D 216 -16.65 19.50 20.27
CA LYS D 216 -16.20 19.92 21.62
C LYS D 216 -14.71 19.65 21.90
N PRO D 217 -14.26 18.40 21.83
CA PRO D 217 -12.86 18.08 22.15
C PRO D 217 -11.87 18.96 21.37
N CYS D 218 -12.05 19.05 20.06
CA CYS D 218 -11.20 19.91 19.23
C CYS D 218 -11.39 21.38 19.58
N LEU D 219 -12.63 21.76 19.88
CA LEU D 219 -12.98 23.14 20.22
C LEU D 219 -12.25 23.63 21.47
N MET D 220 -12.14 22.73 22.46
CA MET D 220 -11.48 23.03 23.73
C MET D 220 -9.98 23.17 23.55
N ASP D 221 -9.41 22.33 22.68
CA ASP D 221 -8.01 22.43 22.36
C ASP D 221 -7.72 23.75 21.69
N LEU D 222 -8.53 24.10 20.69
CA LEU D 222 -8.37 25.32 19.90
C LEU D 222 -8.59 26.59 20.73
N HIS D 223 -9.56 26.53 21.64
CA HIS D 223 -9.84 27.64 22.54
C HIS D 223 -8.63 27.91 23.43
N GLN D 224 -8.06 26.84 23.99
CA GLN D 224 -6.84 26.93 24.77
C GLN D 224 -5.69 27.51 23.96
N THR D 225 -5.58 27.06 22.70
CA THR D 225 -4.54 27.53 21.78
C THR D 225 -4.71 29.01 21.47
N TYR D 226 -5.95 29.42 21.22
CA TYR D 226 -6.31 30.82 21.00
C TYR D 226 -5.95 31.65 22.23
N LEU D 227 -6.26 31.14 23.42
CA LEU D 227 -5.99 31.87 24.66
C LEU D 227 -4.49 32.03 24.94
N LYS D 228 -3.74 30.96 24.69
CA LYS D 228 -2.31 30.92 24.97
C LYS D 228 -1.44 31.49 23.84
N ALA D 229 -2.08 31.87 22.72
CA ALA D 229 -1.39 32.32 21.51
C ALA D 229 -0.30 33.40 21.71
N PRO D 230 -0.61 34.49 22.42
CA PRO D 230 0.39 35.56 22.61
C PRO D 230 1.67 35.06 23.31
N GLN D 231 1.59 33.97 24.05
CA GLN D 231 2.72 33.42 24.80
C GLN D 231 3.44 32.26 24.06
N HIS D 232 2.89 31.81 22.94
CA HIS D 232 3.49 30.72 22.15
C HIS D 232 4.89 31.09 21.68
N ALA D 233 5.78 30.10 21.63
CA ALA D 233 7.13 30.30 21.09
C ALA D 233 7.07 30.83 19.66
N GLN D 234 6.08 30.35 18.91
CA GLN D 234 5.95 30.71 17.50
C GLN D 234 4.93 31.84 17.33
N GLN D 235 5.37 32.91 16.68
CA GLN D 235 4.60 34.14 16.61
C GLN D 235 4.28 34.61 15.18
N SER D 236 4.79 33.88 14.18
CA SER D 236 4.63 34.31 12.78
C SER D 236 3.19 34.44 12.31
N ILE D 237 2.30 33.58 12.82
CA ILE D 237 0.90 33.61 12.39
C ILE D 237 0.18 34.83 12.97
N ARG D 238 0.35 35.08 14.27
CA ARG D 238 -0.17 36.29 14.91
C ARG D 238 0.25 37.55 14.16
N GLU D 239 1.54 37.64 13.80
CA GLU D 239 2.08 38.81 13.11
C GLU D 239 1.46 39.02 11.73
N LYS D 240 1.25 37.91 11.01
CA LYS D 240 0.62 37.95 9.70
C LYS D 240 -0.83 38.43 9.79
N TYR D 241 -1.53 37.95 10.82
CA TYR D 241 -2.94 38.25 10.96
C TYR D 241 -3.24 39.55 11.74
N LYS D 242 -2.19 40.35 11.97
CA LYS D 242 -2.36 41.73 12.45
C LYS D 242 -2.58 42.67 11.27
N ASN D 243 -2.15 42.22 10.09
CA ASN D 243 -2.21 42.98 8.84
C ASN D 243 -3.63 43.36 8.43
N SER D 244 -3.77 44.50 7.76
CA SER D 244 -5.06 44.99 7.27
C SER D 244 -5.69 44.03 6.24
N LYS D 245 -4.86 43.32 5.49
CA LYS D 245 -5.34 42.28 4.57
C LYS D 245 -6.23 41.27 5.31
N TYR D 246 -5.82 40.92 6.53
CA TYR D 246 -6.57 39.96 7.34
C TYR D 246 -7.35 40.67 8.44
N HIS D 247 -7.74 41.92 8.17
CA HIS D 247 -8.60 42.71 9.08
C HIS D 247 -8.16 42.71 10.55
N GLY D 248 -6.85 42.62 10.78
CA GLY D 248 -6.26 42.68 12.11
C GLY D 248 -6.80 41.74 13.17
N VAL D 249 -7.41 40.62 12.72
CA VAL D 249 -8.13 39.70 13.60
C VAL D 249 -7.32 39.03 14.73
N SER D 250 -5.99 39.01 14.59
CA SER D 250 -5.14 38.47 15.65
C SER D 250 -5.02 39.40 16.87
N LEU D 251 -5.35 40.69 16.67
CA LEU D 251 -5.34 41.67 17.76
C LEU D 251 -6.61 41.63 18.61
N LEU D 252 -7.61 40.89 18.15
CA LEU D 252 -8.85 40.73 18.88
C LEU D 252 -8.62 39.90 20.15
N ASN D 253 -9.47 40.14 21.15
CA ASN D 253 -9.42 39.36 22.38
C ASN D 253 -10.28 38.10 22.24
N PRO D 254 -9.69 36.94 22.55
CA PRO D 254 -10.43 35.68 22.52
C PRO D 254 -11.55 35.67 23.55
N PRO D 255 -12.61 34.90 23.33
CA PRO D 255 -13.64 34.68 24.34
C PRO D 255 -13.04 34.04 25.58
N GLU D 256 -13.69 34.25 26.72
CA GLU D 256 -13.24 33.76 28.01
C GLU D 256 -13.82 32.36 28.23
N THR D 257 -15.09 32.22 27.85
CA THR D 257 -15.84 30.96 27.97
C THR D 257 -16.54 30.70 26.66
N LEU D 258 -16.84 29.43 26.40
CA LEU D 258 -17.54 29.05 25.17
C LEU D 258 -18.96 28.57 25.44
N ASN D 259 -19.26 28.37 26.73
CA ASN D 259 -20.55 27.86 27.19
C ASN D 259 -20.88 26.47 26.64
N LEU D 260 -19.93 25.55 26.78
CA LEU D 260 -20.10 24.17 26.35
C LEU D 260 -20.01 23.21 27.54
C2 N76 E . 23.78 -3.69 11.33
C8 N76 E . 19.90 -4.51 9.32
C10 N76 E . 24.95 -7.29 9.84
C11 N76 E . 24.98 -8.78 9.53
C12 N76 E . 26.42 -9.26 9.63
C13 N76 E . 26.48 -10.76 9.37
C14 N76 E . 25.57 -11.53 10.32
C15 N76 E . 24.13 -11.02 10.30
C16 N76 E . 24.08 -9.51 10.53
C19 N76 E . 28.31 -4.29 13.50
C20 N76 E . 28.13 -2.97 13.12
N2 N76 E . 24.65 -2.99 12.08
C21 N76 E . 26.89 -2.55 12.65
C22 N76 E . 25.84 -3.45 12.54
N26 N76 E . 29.91 -1.89 14.73
N1 N76 E . 24.13 -4.89 10.80
C6 N76 E . 23.27 -5.62 10.05
O6 N76 E . 23.65 -6.82 9.54
C5 N76 E . 21.92 -5.11 9.79
N7 N76 E . 20.80 -5.55 9.11
N9 N76 E . 20.36 -3.44 10.10
C4 N76 E . 21.64 -3.83 10.38
N3 N76 E . 22.55 -3.17 11.13
C17 N76 E . 26.01 -4.78 12.94
C18 N76 E . 27.25 -5.20 13.42
S23 N76 E . 29.36 -1.92 13.22
O24 N76 E . 28.94 -0.60 12.87
O25 N76 E . 30.39 -2.37 12.34
C1 SGM F . -0.85 -8.37 0.32
C2 SGM F . 0.17 -7.75 1.27
O2 SGM F . 0.25 -8.50 2.48
C3 SGM F . -0.17 -6.29 1.54
O3 SGM F . -1.06 -6.20 2.65
S1 SGM F . -0.59 -10.16 0.24
MG MG G . -11.68 -10.76 -20.94
C2 N76 H . -2.98 7.30 -27.37
C8 N76 H . -2.88 7.84 -22.95
C10 N76 H . -1.33 11.08 -27.47
C11 N76 H . -1.17 12.58 -27.34
C12 N76 H . -0.67 13.14 -28.68
C13 N76 H . -0.54 14.66 -28.60
C14 N76 H . -1.88 15.30 -28.19
C15 N76 H . -2.38 14.73 -26.86
C16 N76 H . -2.51 13.21 -26.97
C19 N76 H . -3.26 8.38 -32.34
C20 N76 H . -2.83 7.07 -32.18
N2 N76 H . -3.19 6.66 -28.55
C21 N76 H . -2.81 6.52 -30.90
C22 N76 H . -3.22 7.26 -29.78
N26 N76 H . -3.58 5.94 -34.43
N1 N76 H . -2.50 8.58 -27.36
C6 N76 H . -2.29 9.28 -26.22
O6 N76 H . -1.83 10.57 -26.24
C5 N76 H . -2.56 8.61 -24.94
N7 N76 H . -2.45 8.97 -23.61
N9 N76 H . -3.25 6.77 -23.75
C4 N76 H . -3.04 7.26 -25.02
N3 N76 H . -3.23 6.63 -26.21
C17 N76 H . -3.66 8.58 -29.97
C18 N76 H . -3.67 9.15 -31.25
S23 N76 H . -2.35 6.20 -33.44
O24 N76 H . -1.87 4.90 -33.00
O25 N76 H . -1.29 6.86 -34.12
C1 SGM I . -2.74 10.13 0.06
C2 SGM I . -3.84 9.12 -0.29
O2 SGM I . -3.32 7.82 -0.13
C3 SGM I . -4.27 9.32 -1.74
O3 SGM I . -4.73 8.08 -2.27
S1 SGM I . -3.26 11.85 -0.14
#